data_9L1S
#
_entry.id   9L1S
#
_cell.length_a   1.00
_cell.length_b   1.00
_cell.length_c   1.00
_cell.angle_alpha   90.00
_cell.angle_beta   90.00
_cell.angle_gamma   90.00
#
_symmetry.space_group_name_H-M   'P 1'
#
loop_
_entity.id
_entity.type
_entity.pdbx_description
1 polymer 'Receptor tyrosine-protein kinase erbB-2'
2 polymer 'Pertuzumab Fab light chain'
3 polymer 'Pertuzumab Fab heavy chain'
#
loop_
_entity_poly.entity_id
_entity_poly.type
_entity_poly.pdbx_seq_one_letter_code
_entity_poly.pdbx_strand_id
1 'polypeptide(L)'
;TQVCTGTDMKLRLPASPETHLDMLRHLYQGCQVVQGNLELTYLPTNASLSFLQDIQEVQGYVLIAHNQVRQVPLQRLRIV
RGTQLFEDNYALAVLDNGDPLNNTTPVTGASPGGLRELQLRSLTEILKGGVLIQRNPQLCYQDTILWKDIFHKNNQLALT
LIDTNRSRACHPCSPMCKGSRCWGESSEDCQSLTRTVCAGGCARCKGPLPTDCCHEQCAAGCTGPKHSDCLACLHFNHSG
ICELHCPALVTYNTDTFESMPNPEGRYTFGASCVTACPYNYLSTDVGFCTLVCPLHNQEVTAEDGTQRCEKCSKPCARVC
YGLGMEHLREVRAVTSANIQEFAGCKKIFGSLAFLPESFDGDPASNTAPLQPEQLQVFETLEEITGYLYISAWPDSLPDL
SVFQNLQVIRGRVLHNGAYSLTLQGLGISWLGLRSLRELGSGLALIHHNTHLCFVHTVPWDQLFRNPHQALLHTANRPED
ECVGEGLACHQLCARGHCWGPGPTQCVNCSQFLRGQECVEECRVLQGLPREYVNARHCLPCHPECQPQNGSVTCFGPEAD
QCVACAHYKDPPFCVARCPSGVKPDLSYMPIWKFPDEEGACQPCPINCTHSCVDLDDKGCPAEQRASPLTHHHHHH
;
A
2 'polypeptide(L)'
;DIQMTQSPSSLSASVGDRVTITCKASQDVSIGVAWYQQKPGKAPKLLIYSASYRYTGVPSRFSGSGSGTDFTLTISSLQP
EDFATYYCQQYYIYPYTFGQGTKVEIKRTVAAPSVFIFPPSDEQLKSGTASVVCLLNNFYPREAKVQWKVDNALQSGNSQ
ESVTEQDSKDSTYSLSSTLTLSKADYEKHKVYACEVTHQGLSSPVTKSFNRGEC
;
B
3 'polypeptide(L)'
;EVQLVESGGGLVQPGGSLRLSCAASGFTFSAYTMDWVRQAPGKGLEWVADVNPNSGGSIYNQRFKGRFTLSVDRSKNTLY
LQMNSLRAEDTAVYYCARNLGPSFYFDYWGQGTLVTVSSASTKGPSVFPLAPSSKSTSGGTAALGCLVKDYFPEPVTVSW
NSGALTSGVHTFPAVLQSSGLYSLSSVVTVPSSSLGTQTYICNVNHKPSNTKVDKKVEPKSCDKTHT
;
C
#
# COMPACT_ATOMS: atom_id res chain seq x y z
N THR A 1 -25.31 -16.38 12.92
CA THR A 1 -24.39 -15.53 12.18
C THR A 1 -23.94 -16.20 10.88
N GLN A 2 -24.15 -15.52 9.76
CA GLN A 2 -23.81 -16.05 8.45
C GLN A 2 -22.41 -15.66 7.99
N VAL A 3 -21.69 -14.87 8.78
CA VAL A 3 -20.32 -14.49 8.45
C VAL A 3 -19.41 -15.19 9.46
N CYS A 4 -18.64 -16.16 8.97
CA CYS A 4 -17.73 -16.94 9.79
C CYS A 4 -16.34 -16.89 9.16
N THR A 5 -15.33 -16.57 9.97
CA THR A 5 -13.96 -16.55 9.49
C THR A 5 -13.46 -17.98 9.27
N GLY A 6 -12.85 -18.20 8.10
CA GLY A 6 -12.34 -19.51 7.78
C GLY A 6 -11.02 -19.80 8.49
N THR A 7 -10.48 -20.97 8.19
CA THR A 7 -9.22 -21.42 8.75
C THR A 7 -8.07 -21.14 7.77
N ASP A 8 -6.88 -20.99 8.33
CA ASP A 8 -5.65 -20.83 7.55
C ASP A 8 -4.70 -21.93 8.00
N MET A 9 -4.85 -23.11 7.41
CA MET A 9 -3.99 -24.25 7.70
C MET A 9 -3.92 -25.12 6.43
N LYS A 10 -2.72 -25.21 5.86
CA LYS A 10 -2.47 -26.02 4.68
C LYS A 10 -2.28 -27.48 5.08
N LEU A 11 -1.72 -28.28 4.18
CA LEU A 11 -1.55 -29.72 4.35
C LEU A 11 -0.90 -30.08 5.68
N ARG A 12 -0.34 -29.08 6.37
CA ARG A 12 0.16 -29.24 7.73
C ARG A 12 -0.84 -29.98 8.61
N LEU A 13 -0.30 -30.83 9.52
CA LEU A 13 -1.01 -31.71 10.44
C LEU A 13 -1.74 -30.90 11.52
N PRO A 14 -2.88 -31.41 11.99
CA PRO A 14 -3.63 -30.70 13.04
C PRO A 14 -2.91 -30.78 14.38
N ALA A 15 -3.31 -29.88 15.27
CA ALA A 15 -2.78 -29.90 16.63
C ALA A 15 -3.26 -31.13 17.38
N SER A 16 -4.58 -31.29 17.50
CA SER A 16 -5.19 -32.44 18.18
C SER A 16 -6.11 -33.16 17.20
N PRO A 17 -5.70 -34.28 16.63
CA PRO A 17 -6.55 -34.99 15.66
C PRO A 17 -7.88 -35.46 16.22
N GLU A 18 -7.99 -35.72 17.53
CA GLU A 18 -9.26 -36.16 18.09
C GLU A 18 -10.30 -35.05 18.08
N THR A 19 -9.93 -33.86 18.54
CA THR A 19 -10.81 -32.70 18.53
C THR A 19 -10.61 -31.86 17.27
N HIS A 20 -10.65 -32.50 16.11
CA HIS A 20 -10.55 -31.81 14.83
C HIS A 20 -11.88 -31.74 14.11
N LEU A 21 -12.60 -32.87 14.02
CA LEU A 21 -13.96 -32.84 13.49
C LEU A 21 -14.88 -31.98 14.34
N ASP A 22 -14.60 -31.85 15.64
CA ASP A 22 -15.35 -30.95 16.50
C ASP A 22 -14.91 -29.50 16.36
N MET A 23 -13.84 -29.25 15.60
CA MET A 23 -13.38 -27.89 15.32
C MET A 23 -13.98 -27.37 14.02
N LEU A 24 -14.12 -28.24 13.01
CA LEU A 24 -14.79 -27.85 11.78
C LEU A 24 -16.27 -27.58 12.00
N ARG A 25 -16.91 -28.39 12.85
CA ARG A 25 -18.35 -28.23 13.06
C ARG A 25 -18.66 -26.98 13.87
N HIS A 26 -17.83 -26.66 14.86
CA HIS A 26 -18.04 -25.46 15.67
C HIS A 26 -17.63 -24.17 14.97
N LEU A 27 -17.30 -24.23 13.68
CA LEU A 27 -16.90 -23.04 12.95
C LEU A 27 -17.70 -22.78 11.68
N TYR A 28 -18.21 -23.83 11.02
CA TYR A 28 -19.00 -23.68 9.81
C TYR A 28 -20.45 -24.13 10.02
N GLN A 29 -20.95 -23.99 11.25
CA GLN A 29 -22.34 -24.35 11.55
C GLN A 29 -23.20 -23.11 11.41
N GLY A 30 -24.22 -23.19 10.55
CA GLY A 30 -25.10 -22.07 10.31
C GLY A 30 -24.40 -20.90 9.65
N CYS A 31 -23.55 -21.18 8.68
CA CYS A 31 -22.80 -20.17 7.96
C CYS A 31 -23.09 -20.28 6.47
N GLN A 32 -23.16 -19.12 5.81
CA GLN A 32 -23.43 -19.06 4.38
C GLN A 32 -22.31 -18.45 3.55
N VAL A 33 -21.54 -17.51 4.11
CA VAL A 33 -20.40 -16.91 3.42
C VAL A 33 -19.18 -17.11 4.30
N VAL A 34 -18.07 -17.51 3.69
CA VAL A 34 -16.82 -17.79 4.41
C VAL A 34 -15.85 -16.66 4.08
N GLN A 35 -15.50 -15.87 5.09
CA GLN A 35 -14.52 -14.79 4.92
C GLN A 35 -13.11 -15.36 5.19
N GLY A 36 -12.68 -16.20 4.27
CA GLY A 36 -11.39 -16.85 4.39
C GLY A 36 -11.36 -18.09 3.51
N ASN A 37 -10.58 -19.08 3.93
CA ASN A 37 -10.37 -20.30 3.18
C ASN A 37 -11.16 -21.44 3.79
N LEU A 38 -11.75 -22.28 2.94
CA LEU A 38 -12.48 -23.46 3.37
C LEU A 38 -11.54 -24.65 3.22
N GLU A 39 -11.05 -25.16 4.34
CA GLU A 39 -10.06 -26.23 4.37
C GLU A 39 -10.66 -27.44 5.09
N LEU A 40 -10.74 -28.56 4.38
CA LEU A 40 -11.28 -29.81 4.91
C LEU A 40 -10.17 -30.86 4.85
N THR A 41 -9.38 -30.93 5.90
CA THR A 41 -8.21 -31.80 5.95
C THR A 41 -8.29 -32.75 7.13
N TYR A 42 -7.83 -33.99 6.92
CA TYR A 42 -7.64 -34.98 7.98
C TYR A 42 -8.97 -35.31 8.68
N LEU A 43 -9.89 -35.87 7.89
CA LEU A 43 -11.20 -36.29 8.39
C LEU A 43 -11.32 -37.80 8.32
N PRO A 44 -11.84 -38.44 9.37
CA PRO A 44 -11.99 -39.91 9.35
C PRO A 44 -13.08 -40.33 8.37
N THR A 45 -13.05 -41.62 8.03
CA THR A 45 -13.96 -42.16 7.02
C THR A 45 -15.43 -42.02 7.40
N ASN A 46 -15.78 -42.21 8.67
CA ASN A 46 -17.16 -42.18 9.12
C ASN A 46 -17.56 -40.83 9.69
N ALA A 47 -16.78 -39.78 9.46
CA ALA A 47 -17.12 -38.46 9.96
C ALA A 47 -18.40 -37.94 9.31
N SER A 48 -19.21 -37.22 10.09
CA SER A 48 -20.44 -36.63 9.62
C SER A 48 -20.19 -35.16 9.29
N LEU A 49 -20.49 -34.76 8.06
CA LEU A 49 -20.23 -33.40 7.58
C LEU A 49 -21.50 -32.68 7.18
N SER A 50 -22.62 -32.99 7.83
CA SER A 50 -23.90 -32.36 7.50
C SER A 50 -23.92 -30.86 7.78
N PHE A 51 -22.96 -30.35 8.55
CA PHE A 51 -22.91 -28.93 8.88
C PHE A 51 -22.35 -28.08 7.74
N LEU A 52 -21.87 -28.69 6.66
CA LEU A 52 -21.31 -27.97 5.52
C LEU A 52 -22.31 -27.83 4.38
N GLN A 53 -23.59 -28.10 4.62
CA GLN A 53 -24.62 -28.10 3.58
C GLN A 53 -25.07 -26.70 3.21
N ASP A 54 -24.80 -25.70 4.04
CA ASP A 54 -25.32 -24.35 3.83
C ASP A 54 -24.25 -23.35 3.41
N ILE A 55 -23.05 -23.81 3.06
CA ILE A 55 -21.99 -22.92 2.60
C ILE A 55 -22.26 -22.53 1.16
N GLN A 56 -22.24 -21.22 0.88
CA GLN A 56 -22.58 -20.69 -0.43
C GLN A 56 -21.43 -19.94 -1.08
N GLU A 57 -20.75 -19.07 -0.32
CA GLU A 57 -19.73 -18.18 -0.87
C GLU A 57 -18.45 -18.32 -0.07
N VAL A 58 -17.32 -18.43 -0.76
CA VAL A 58 -16.00 -18.51 -0.15
C VAL A 58 -15.15 -17.37 -0.68
N GLN A 59 -14.56 -16.60 0.24
CA GLN A 59 -13.70 -15.49 -0.16
C GLN A 59 -12.35 -15.98 -0.65
N GLY A 60 -11.75 -16.93 0.06
CA GLY A 60 -10.43 -17.44 -0.28
C GLY A 60 -10.46 -18.61 -1.24
N TYR A 61 -9.78 -19.69 -0.89
CA TYR A 61 -9.74 -20.90 -1.70
C TYR A 61 -10.40 -22.06 -0.97
N VAL A 62 -10.53 -23.18 -1.68
CA VAL A 62 -11.10 -24.40 -1.16
C VAL A 62 -10.02 -25.47 -1.13
N LEU A 63 -9.77 -26.02 0.06
CA LEU A 63 -8.74 -27.03 0.25
C LEU A 63 -9.40 -28.31 0.77
N ILE A 64 -9.33 -29.37 -0.02
CA ILE A 64 -9.87 -30.68 0.35
C ILE A 64 -8.74 -31.68 0.15
N ALA A 65 -8.06 -32.03 1.24
CA ALA A 65 -6.90 -32.92 1.15
C ALA A 65 -6.83 -33.84 2.35
N HIS A 66 -6.26 -35.02 2.14
CA HIS A 66 -5.98 -35.98 3.20
C HIS A 66 -7.25 -36.39 3.94
N ASN A 67 -8.27 -36.80 3.18
CA ASN A 67 -9.54 -37.21 3.76
C ASN A 67 -9.94 -38.57 3.22
N GLN A 68 -10.58 -39.35 4.09
CA GLN A 68 -11.14 -40.65 3.72
C GLN A 68 -12.67 -40.63 3.66
N VAL A 69 -13.30 -39.47 3.85
CA VAL A 69 -14.75 -39.39 3.76
C VAL A 69 -15.21 -39.76 2.34
N ARG A 70 -16.33 -40.47 2.28
CA ARG A 70 -16.90 -40.86 1.00
C ARG A 70 -17.61 -39.71 0.29
N GLN A 71 -18.27 -38.82 1.03
CA GLN A 71 -19.03 -37.73 0.44
C GLN A 71 -18.78 -36.42 1.18
N VAL A 72 -18.54 -35.35 0.44
CA VAL A 72 -18.44 -34.00 1.01
C VAL A 72 -19.68 -33.22 0.58
N PRO A 73 -20.60 -32.92 1.50
CA PRO A 73 -21.84 -32.24 1.11
C PRO A 73 -21.68 -30.73 1.01
N LEU A 74 -21.11 -30.26 -0.09
CA LEU A 74 -20.99 -28.84 -0.40
C LEU A 74 -21.81 -28.50 -1.63
N GLN A 75 -23.01 -29.07 -1.71
CA GLN A 75 -23.86 -29.03 -2.90
C GLN A 75 -24.42 -27.66 -3.21
N ARG A 76 -24.44 -26.73 -2.25
CA ARG A 76 -25.02 -25.41 -2.45
C ARG A 76 -23.98 -24.29 -2.40
N LEU A 77 -22.81 -24.51 -2.99
CA LEU A 77 -21.77 -23.50 -3.05
C LEU A 77 -21.71 -22.97 -4.48
N ARG A 78 -21.90 -21.67 -4.64
CA ARG A 78 -22.01 -21.08 -5.97
C ARG A 78 -20.71 -20.44 -6.45
N ILE A 79 -20.20 -19.47 -5.70
CA ILE A 79 -19.06 -18.68 -6.14
C ILE A 79 -17.93 -18.80 -5.13
N VAL A 80 -16.72 -19.02 -5.62
CA VAL A 80 -15.50 -18.89 -4.84
C VAL A 80 -14.70 -17.74 -5.44
N ARG A 81 -14.35 -16.76 -4.60
CA ARG A 81 -13.74 -15.53 -5.11
C ARG A 81 -12.26 -15.73 -5.43
N GLY A 82 -11.46 -16.07 -4.42
CA GLY A 82 -10.04 -16.28 -4.64
C GLY A 82 -9.19 -15.06 -4.33
N THR A 83 -9.54 -14.33 -3.27
CA THR A 83 -8.73 -13.19 -2.85
C THR A 83 -7.30 -13.60 -2.52
N GLN A 84 -7.11 -14.75 -1.90
CA GLN A 84 -5.79 -15.34 -1.70
C GLN A 84 -5.85 -16.79 -2.16
N LEU A 85 -4.77 -17.25 -2.78
CA LEU A 85 -4.76 -18.51 -3.50
C LEU A 85 -3.82 -19.51 -2.85
N PHE A 86 -4.01 -20.77 -3.19
CA PHE A 86 -3.14 -21.85 -2.74
C PHE A 86 -1.94 -21.93 -3.67
N GLU A 87 -0.74 -21.74 -3.10
CA GLU A 87 0.50 -21.68 -3.88
C GLU A 87 0.46 -20.56 -4.91
N ASP A 88 -0.31 -19.52 -4.62
CA ASP A 88 -0.45 -18.34 -5.47
C ASP A 88 -0.93 -18.68 -6.89
N ASN A 89 -1.49 -19.88 -7.07
CA ASN A 89 -1.93 -20.30 -8.40
C ASN A 89 -3.31 -20.92 -8.45
N TYR A 90 -3.82 -21.50 -7.36
CA TYR A 90 -5.03 -22.30 -7.41
C TYR A 90 -6.08 -21.76 -6.45
N ALA A 91 -7.35 -21.87 -6.86
CA ALA A 91 -8.48 -21.52 -6.02
C ALA A 91 -9.24 -22.73 -5.49
N LEU A 92 -9.16 -23.87 -6.16
CA LEU A 92 -9.74 -25.12 -5.70
C LEU A 92 -8.66 -26.19 -5.71
N ALA A 93 -8.42 -26.82 -4.57
CA ALA A 93 -7.34 -27.79 -4.41
C ALA A 93 -7.89 -29.06 -3.78
N VAL A 94 -7.94 -30.14 -4.57
CA VAL A 94 -8.34 -31.46 -4.10
C VAL A 94 -7.14 -32.37 -4.31
N LEU A 95 -6.48 -32.75 -3.21
CA LEU A 95 -5.25 -33.52 -3.28
C LEU A 95 -5.28 -34.69 -2.29
N ASP A 96 -4.58 -35.77 -2.66
CA ASP A 96 -4.25 -36.86 -1.74
C ASP A 96 -5.47 -37.36 -0.97
N ASN A 97 -6.53 -37.67 -1.69
CA ASN A 97 -7.78 -38.15 -1.09
C ASN A 97 -7.97 -39.61 -1.51
N GLY A 98 -7.41 -40.52 -0.70
CA GLY A 98 -7.50 -41.94 -0.95
C GLY A 98 -7.03 -42.70 0.27
N ASP A 99 -7.18 -44.02 0.20
CA ASP A 99 -6.76 -44.87 1.31
C ASP A 99 -5.25 -44.87 1.42
N SER A 111 -16.45 -49.88 -0.70
CA SER A 111 -15.87 -50.34 0.56
C SER A 111 -14.57 -49.60 0.94
N PRO A 112 -13.62 -49.45 0.02
CA PRO A 112 -12.41 -48.69 0.35
C PRO A 112 -12.71 -47.23 0.64
N GLY A 113 -11.88 -46.64 1.50
CA GLY A 113 -12.05 -45.26 1.88
C GLY A 113 -11.55 -44.29 0.84
N GLY A 114 -11.63 -43.01 1.18
CA GLY A 114 -11.23 -41.94 0.30
C GLY A 114 -12.42 -41.21 -0.30
N LEU A 115 -12.14 -40.03 -0.86
CA LEU A 115 -13.21 -39.25 -1.47
C LEU A 115 -13.71 -39.96 -2.72
N ARG A 116 -15.03 -39.96 -2.89
CA ARG A 116 -15.69 -40.66 -3.99
C ARG A 116 -16.20 -39.75 -5.09
N GLU A 117 -16.73 -38.58 -4.73
CA GLU A 117 -17.30 -37.67 -5.71
C GLU A 117 -17.10 -36.23 -5.24
N LEU A 118 -16.95 -35.32 -6.21
CA LEU A 118 -16.76 -33.91 -5.91
C LEU A 118 -18.00 -33.31 -5.26
N GLN A 119 -19.17 -33.53 -5.86
CA GLN A 119 -20.45 -33.05 -5.34
C GLN A 119 -20.46 -31.53 -5.12
N LEU A 120 -20.13 -30.80 -6.18
CA LEU A 120 -20.26 -29.34 -6.22
C LEU A 120 -21.22 -29.01 -7.35
N ARG A 121 -22.52 -29.01 -7.04
CA ARG A 121 -23.55 -28.92 -8.05
C ARG A 121 -23.83 -27.49 -8.51
N SER A 122 -23.53 -26.48 -7.70
CA SER A 122 -23.87 -25.10 -8.02
C SER A 122 -22.66 -24.22 -8.27
N LEU A 123 -21.46 -24.80 -8.36
CA LEU A 123 -20.26 -24.02 -8.64
C LEU A 123 -20.34 -23.48 -10.07
N THR A 124 -20.32 -22.16 -10.21
CA THR A 124 -20.48 -21.53 -11.51
C THR A 124 -19.48 -20.41 -11.77
N GLU A 125 -18.89 -19.81 -10.74
CA GLU A 125 -18.01 -18.65 -10.93
C GLU A 125 -16.79 -18.78 -10.03
N ILE A 126 -15.62 -18.85 -10.63
CA ILE A 126 -14.34 -18.68 -9.94
C ILE A 126 -13.71 -17.39 -10.47
N LEU A 127 -13.68 -16.36 -9.63
CA LEU A 127 -13.22 -15.04 -10.09
C LEU A 127 -11.73 -15.06 -10.41
N LYS A 128 -10.92 -15.61 -9.53
CA LYS A 128 -9.47 -15.53 -9.67
C LYS A 128 -8.84 -16.78 -9.06
N GLY A 129 -8.03 -17.47 -9.85
CA GLY A 129 -7.33 -18.66 -9.39
C GLY A 129 -7.49 -19.81 -10.37
N GLY A 130 -6.97 -20.97 -9.96
CA GLY A 130 -7.04 -22.17 -10.77
C GLY A 130 -7.58 -23.33 -9.96
N VAL A 131 -7.63 -24.49 -10.61
CA VAL A 131 -8.13 -25.72 -10.02
C VAL A 131 -6.97 -26.73 -9.98
N LEU A 132 -6.86 -27.44 -8.86
CA LEU A 132 -5.77 -28.40 -8.64
C LEU A 132 -6.38 -29.69 -8.12
N ILE A 133 -6.34 -30.74 -8.93
CA ILE A 133 -6.85 -32.06 -8.56
C ILE A 133 -5.77 -33.08 -8.88
N GLN A 134 -5.12 -33.62 -7.85
CA GLN A 134 -4.03 -34.56 -8.05
C GLN A 134 -4.14 -35.68 -7.02
N ARG A 135 -3.80 -36.89 -7.45
CA ARG A 135 -3.62 -38.05 -6.57
C ARG A 135 -4.91 -38.38 -5.81
N ASN A 136 -5.96 -38.69 -6.57
CA ASN A 136 -7.22 -39.17 -6.02
C ASN A 136 -7.61 -40.45 -6.75
N PRO A 137 -7.46 -41.62 -6.13
CA PRO A 137 -7.72 -42.87 -6.85
C PRO A 137 -9.20 -43.20 -6.96
N GLN A 138 -9.99 -42.79 -5.96
CA GLN A 138 -11.40 -43.13 -5.89
C GLN A 138 -12.30 -42.04 -6.45
N LEU A 139 -11.74 -40.99 -7.04
CA LEU A 139 -12.52 -39.87 -7.55
C LEU A 139 -12.83 -40.08 -9.02
N CYS A 140 -14.11 -40.08 -9.36
CA CYS A 140 -14.57 -40.18 -10.74
C CYS A 140 -15.17 -38.84 -11.17
N TYR A 141 -15.42 -38.73 -12.48
CA TYR A 141 -16.03 -37.57 -13.11
C TYR A 141 -15.21 -36.29 -12.93
N GLN A 142 -13.94 -36.41 -12.57
CA GLN A 142 -13.11 -35.24 -12.33
C GLN A 142 -12.63 -34.56 -13.60
N ASP A 143 -12.66 -35.26 -14.75
CA ASP A 143 -12.17 -34.71 -16.00
C ASP A 143 -13.28 -34.52 -17.03
N THR A 144 -14.54 -34.73 -16.66
CA THR A 144 -15.65 -34.61 -17.60
C THR A 144 -16.37 -33.27 -17.49
N ILE A 145 -15.80 -32.31 -16.76
CA ILE A 145 -16.44 -31.01 -16.58
C ILE A 145 -15.74 -29.98 -17.45
N LEU A 146 -16.54 -29.18 -18.16
CA LEU A 146 -16.01 -28.05 -18.93
C LEU A 146 -15.68 -26.95 -17.93
N TRP A 147 -14.46 -26.98 -17.41
CA TRP A 147 -14.07 -26.07 -16.34
C TRP A 147 -13.93 -24.63 -16.82
N LYS A 148 -13.87 -24.40 -18.14
CA LYS A 148 -13.73 -23.04 -18.65
C LYS A 148 -14.96 -22.20 -18.34
N ASP A 149 -16.15 -22.79 -18.38
CA ASP A 149 -17.37 -22.04 -18.09
C ASP A 149 -17.35 -21.50 -16.67
N ILE A 150 -16.95 -22.31 -15.69
CA ILE A 150 -16.92 -21.87 -14.30
C ILE A 150 -15.90 -20.76 -14.07
N PHE A 151 -14.91 -20.62 -14.94
CA PHE A 151 -13.91 -19.58 -14.79
C PHE A 151 -14.45 -18.25 -15.32
N HIS A 152 -14.00 -17.16 -14.69
CA HIS A 152 -14.48 -15.83 -15.02
C HIS A 152 -14.02 -15.42 -16.42
N LYS A 153 -14.78 -14.49 -17.01
CA LYS A 153 -14.41 -13.95 -18.31
C LYS A 153 -13.11 -13.14 -18.23
N ASN A 154 -12.86 -12.49 -17.10
CA ASN A 154 -11.66 -11.70 -16.88
C ASN A 154 -10.55 -12.49 -16.19
N ASN A 155 -10.49 -13.79 -16.40
CA ASN A 155 -9.52 -14.67 -15.75
C ASN A 155 -8.66 -15.33 -16.83
N GLN A 156 -7.46 -14.80 -17.03
CA GLN A 156 -6.47 -15.42 -17.91
C GLN A 156 -5.52 -16.34 -17.16
N LEU A 157 -5.68 -16.46 -15.84
CA LEU A 157 -4.88 -17.34 -15.01
C LEU A 157 -5.47 -18.75 -14.92
N ALA A 158 -6.56 -19.00 -15.64
CA ALA A 158 -7.27 -20.27 -15.55
C ALA A 158 -6.48 -21.41 -16.17
N LEU A 159 -5.74 -22.14 -15.33
CA LEU A 159 -4.93 -23.28 -15.77
C LEU A 159 -5.52 -24.54 -15.15
N THR A 160 -5.67 -25.58 -15.96
CA THR A 160 -6.25 -26.85 -15.52
C THR A 160 -5.14 -27.86 -15.25
N LEU A 161 -5.09 -28.36 -14.02
CA LEU A 161 -4.14 -29.40 -13.63
C LEU A 161 -4.95 -30.54 -13.01
N ILE A 162 -5.35 -31.50 -13.83
CA ILE A 162 -6.24 -32.58 -13.43
C ILE A 162 -5.51 -33.90 -13.62
N ASP A 163 -5.46 -34.71 -12.56
CA ASP A 163 -4.88 -36.05 -12.62
C ASP A 163 -6.01 -37.04 -12.82
N THR A 164 -5.79 -38.00 -13.72
CA THR A 164 -6.81 -38.98 -14.08
C THR A 164 -6.37 -40.41 -13.74
N ASN A 165 -5.60 -40.57 -12.68
CA ASN A 165 -5.21 -41.89 -12.21
C ASN A 165 -6.27 -42.43 -11.27
N ARG A 166 -6.99 -43.46 -11.70
CA ARG A 166 -8.13 -43.99 -10.96
C ARG A 166 -7.90 -45.46 -10.64
N SER A 167 -8.29 -45.85 -9.43
CA SER A 167 -8.19 -47.23 -8.98
C SER A 167 -9.51 -47.99 -9.11
N ARG A 168 -10.56 -47.34 -9.62
CA ARG A 168 -11.85 -47.99 -9.78
C ARG A 168 -12.46 -47.57 -11.11
N ALA A 169 -13.40 -48.38 -11.59
CA ALA A 169 -14.12 -48.10 -12.82
C ALA A 169 -15.28 -47.15 -12.55
N CYS A 170 -15.42 -46.16 -13.42
CA CYS A 170 -16.47 -45.16 -13.26
C CYS A 170 -17.73 -45.57 -14.02
N HIS A 171 -18.84 -44.95 -13.65
CA HIS A 171 -20.11 -45.15 -14.35
C HIS A 171 -20.34 -44.03 -15.34
N PRO A 172 -21.13 -44.29 -16.40
CA PRO A 172 -21.49 -43.21 -17.32
C PRO A 172 -22.44 -42.22 -16.66
N CYS A 173 -22.40 -40.98 -17.10
CA CYS A 173 -23.29 -39.95 -16.57
C CYS A 173 -24.74 -40.29 -16.90
N SER A 174 -25.65 -39.62 -16.20
CA SER A 174 -27.07 -39.86 -16.41
C SER A 174 -27.46 -39.52 -17.85
N PRO A 175 -28.16 -40.41 -18.55
CA PRO A 175 -28.53 -40.13 -19.95
C PRO A 175 -29.39 -38.89 -20.11
N MET A 176 -30.20 -38.54 -19.11
CA MET A 176 -31.11 -37.41 -19.24
C MET A 176 -30.34 -36.09 -19.35
N CYS A 177 -29.14 -36.04 -18.78
CA CYS A 177 -28.26 -34.91 -19.02
C CYS A 177 -27.99 -34.77 -20.51
N LYS A 178 -27.99 -33.52 -20.99
CA LYS A 178 -27.85 -33.25 -22.42
C LYS A 178 -26.56 -33.85 -22.98
N GLY A 179 -25.42 -33.40 -22.47
CA GLY A 179 -24.15 -33.92 -22.91
C GLY A 179 -23.58 -34.96 -21.97
N SER A 180 -22.32 -34.78 -21.57
CA SER A 180 -21.72 -35.70 -20.61
C SER A 180 -21.07 -34.98 -19.43
N ARG A 181 -21.47 -33.76 -19.11
CA ARG A 181 -20.87 -32.99 -18.03
C ARG A 181 -21.70 -33.18 -16.78
N CYS A 182 -21.27 -34.10 -15.91
CA CYS A 182 -22.02 -34.44 -14.71
C CYS A 182 -21.08 -34.55 -13.52
N TRP A 183 -21.57 -34.16 -12.36
CA TRP A 183 -20.85 -34.32 -11.10
C TRP A 183 -21.28 -35.55 -10.32
N GLY A 184 -22.18 -36.36 -10.89
CA GLY A 184 -22.64 -37.55 -10.20
C GLY A 184 -23.45 -38.43 -11.13
N GLU A 185 -23.65 -39.67 -10.70
CA GLU A 185 -24.36 -40.65 -11.52
C GLU A 185 -25.86 -40.45 -11.53
N SER A 186 -26.42 -39.76 -10.53
CA SER A 186 -27.86 -39.57 -10.47
C SER A 186 -28.31 -38.55 -11.52
N SER A 187 -29.62 -38.56 -11.79
CA SER A 187 -30.20 -37.69 -12.81
C SER A 187 -30.12 -36.21 -12.44
N GLU A 188 -30.06 -35.88 -11.15
CA GLU A 188 -30.01 -34.50 -10.71
C GLU A 188 -28.59 -33.97 -10.58
N ASP A 189 -27.64 -34.55 -11.32
CA ASP A 189 -26.23 -34.20 -11.19
C ASP A 189 -25.67 -33.62 -12.47
N CYS A 190 -26.53 -33.09 -13.35
CA CYS A 190 -26.04 -32.45 -14.57
C CYS A 190 -25.33 -31.16 -14.23
N GLN A 191 -24.76 -30.53 -15.26
CA GLN A 191 -24.09 -29.25 -15.11
C GLN A 191 -24.86 -28.16 -15.85
N SER A 192 -25.02 -27.01 -15.19
CA SER A 192 -25.74 -25.88 -15.75
C SER A 192 -24.75 -24.98 -16.48
N LEU A 193 -24.73 -25.07 -17.80
CA LEU A 193 -23.86 -24.22 -18.60
C LEU A 193 -24.37 -22.79 -18.59
N THR A 194 -23.48 -21.85 -18.32
CA THR A 194 -23.91 -20.47 -18.11
C THR A 194 -23.20 -19.47 -19.02
N ARG A 195 -21.91 -19.67 -19.26
CA ARG A 195 -21.10 -18.70 -20.00
C ARG A 195 -20.87 -19.07 -21.45
N THR A 196 -20.72 -20.36 -21.77
CA THR A 196 -20.48 -20.80 -23.13
C THR A 196 -21.77 -21.03 -23.92
N VAL A 197 -22.90 -20.50 -23.44
CA VAL A 197 -24.19 -20.68 -24.11
C VAL A 197 -24.82 -19.31 -24.30
N CYS A 198 -24.16 -18.26 -23.81
CA CYS A 198 -24.70 -16.91 -23.91
C CYS A 198 -24.72 -16.43 -25.36
N ALA A 199 -25.72 -15.63 -25.67
CA ALA A 199 -25.87 -15.02 -26.98
C ALA A 199 -25.44 -13.55 -26.90
N GLY A 200 -24.53 -13.15 -27.79
CA GLY A 200 -24.00 -11.81 -27.75
C GLY A 200 -22.89 -11.66 -26.72
N GLY A 201 -22.67 -10.41 -26.32
CA GLY A 201 -21.62 -10.10 -25.37
C GLY A 201 -22.06 -10.24 -23.92
N CYS A 202 -22.97 -11.16 -23.64
CA CYS A 202 -23.44 -11.37 -22.28
C CYS A 202 -22.43 -12.21 -21.50
N ALA A 203 -21.94 -11.67 -20.39
CA ALA A 203 -21.02 -12.42 -19.55
C ALA A 203 -21.70 -13.63 -18.90
N ARG A 204 -22.94 -13.45 -18.42
CA ARG A 204 -23.71 -14.53 -17.83
C ARG A 204 -25.14 -14.46 -18.32
N CYS A 205 -25.75 -15.63 -18.49
CA CYS A 205 -27.13 -15.72 -18.96
C CYS A 205 -27.77 -16.96 -18.36
N LYS A 206 -29.04 -16.84 -18.00
CA LYS A 206 -29.83 -17.96 -17.49
C LYS A 206 -30.41 -18.82 -18.61
N GLY A 207 -30.20 -18.42 -19.87
CA GLY A 207 -30.71 -19.16 -21.00
C GLY A 207 -30.11 -18.68 -22.31
N PRO A 208 -30.55 -19.26 -23.42
CA PRO A 208 -30.00 -18.87 -24.73
C PRO A 208 -30.57 -17.58 -25.29
N LEU A 209 -31.74 -17.14 -24.83
CA LEU A 209 -32.34 -15.93 -25.35
C LEU A 209 -31.60 -14.70 -24.86
N PRO A 210 -31.44 -13.69 -25.71
CA PRO A 210 -30.82 -12.43 -25.26
C PRO A 210 -31.58 -11.75 -24.13
N THR A 211 -32.90 -11.90 -24.09
CA THR A 211 -33.67 -11.31 -22.99
C THR A 211 -33.39 -12.00 -21.67
N ASP A 212 -32.87 -13.23 -21.71
CA ASP A 212 -32.53 -13.97 -20.50
C ASP A 212 -31.14 -13.64 -19.97
N CYS A 213 -30.43 -12.71 -20.61
CA CYS A 213 -29.10 -12.33 -20.17
C CYS A 213 -29.15 -11.68 -18.79
N CYS A 214 -28.08 -11.90 -18.02
CA CYS A 214 -28.00 -11.38 -16.67
C CYS A 214 -27.44 -9.96 -16.68
N HIS A 215 -27.64 -9.27 -15.56
CA HIS A 215 -27.11 -7.93 -15.40
C HIS A 215 -25.58 -7.97 -15.35
N GLU A 216 -24.97 -6.82 -15.64
CA GLU A 216 -23.51 -6.74 -15.66
C GLU A 216 -22.91 -6.89 -14.26
N GLN A 217 -23.72 -6.82 -13.21
CA GLN A 217 -23.24 -7.02 -11.84
C GLN A 217 -23.52 -8.42 -11.32
N CYS A 218 -24.16 -9.28 -12.12
CA CYS A 218 -24.40 -10.66 -11.71
C CYS A 218 -23.09 -11.42 -11.71
N ALA A 219 -22.83 -12.18 -10.65
CA ALA A 219 -21.58 -12.91 -10.52
C ALA A 219 -21.68 -14.34 -11.06
N ALA A 220 -22.57 -15.14 -10.47
CA ALA A 220 -22.68 -16.55 -10.83
C ALA A 220 -23.87 -16.85 -11.72
N GLY A 221 -24.85 -15.97 -11.78
CA GLY A 221 -26.03 -16.19 -12.57
C GLY A 221 -27.14 -15.26 -12.16
N CYS A 222 -28.30 -15.44 -12.79
CA CYS A 222 -29.45 -14.60 -12.53
C CYS A 222 -30.72 -15.43 -12.62
N THR A 223 -31.76 -14.96 -11.92
CA THR A 223 -33.10 -15.49 -12.07
C THR A 223 -33.99 -14.59 -12.92
N GLY A 224 -33.46 -13.47 -13.41
CA GLY A 224 -34.21 -12.56 -14.25
C GLY A 224 -33.30 -11.53 -14.88
N PRO A 225 -33.89 -10.54 -15.55
CA PRO A 225 -33.08 -9.52 -16.24
C PRO A 225 -32.70 -8.36 -15.33
N LYS A 226 -33.28 -8.31 -14.13
CA LYS A 226 -33.07 -7.17 -13.24
C LYS A 226 -31.70 -7.27 -12.55
N HIS A 227 -31.38 -6.22 -11.79
CA HIS A 227 -30.11 -6.13 -11.09
C HIS A 227 -30.23 -6.39 -9.59
N SER A 228 -31.35 -6.97 -9.15
CA SER A 228 -31.57 -7.26 -7.75
C SER A 228 -31.86 -8.73 -7.49
N ASP A 229 -31.62 -9.60 -8.46
CA ASP A 229 -31.89 -11.03 -8.32
C ASP A 229 -30.74 -11.90 -8.80
N CYS A 230 -29.49 -11.41 -8.76
CA CYS A 230 -28.35 -12.23 -9.11
C CYS A 230 -28.13 -13.32 -8.07
N LEU A 231 -27.65 -14.48 -8.52
CA LEU A 231 -27.30 -15.54 -7.57
C LEU A 231 -26.15 -15.11 -6.66
N ALA A 232 -25.29 -14.22 -7.14
CA ALA A 232 -24.22 -13.66 -6.32
C ALA A 232 -23.88 -12.28 -6.88
N CYS A 233 -23.38 -11.41 -5.99
CA CYS A 233 -23.03 -10.06 -6.36
C CYS A 233 -21.56 -10.02 -6.76
N LEU A 234 -21.29 -9.59 -8.00
CA LEU A 234 -19.94 -9.58 -8.53
C LEU A 234 -19.02 -8.63 -7.77
N HIS A 235 -19.52 -7.44 -7.40
CA HIS A 235 -18.68 -6.44 -6.75
C HIS A 235 -19.12 -6.16 -5.32
N PHE A 236 -20.39 -5.82 -5.10
CA PHE A 236 -20.88 -5.53 -3.76
C PHE A 236 -22.36 -5.89 -3.68
N ASN A 237 -22.81 -6.18 -2.46
CA ASN A 237 -24.20 -6.56 -2.20
C ASN A 237 -24.83 -5.46 -1.34
N HIS A 238 -25.65 -4.63 -1.96
CA HIS A 238 -26.30 -3.52 -1.26
C HIS A 238 -27.71 -3.93 -0.82
N SER A 239 -27.74 -4.79 0.19
CA SER A 239 -28.99 -5.27 0.78
C SER A 239 -29.90 -5.90 -0.27
N GLY A 240 -29.31 -6.71 -1.15
CA GLY A 240 -30.03 -7.35 -2.24
C GLY A 240 -29.81 -6.71 -3.59
N ILE A 241 -29.16 -5.55 -3.64
CA ILE A 241 -28.88 -4.84 -4.88
C ILE A 241 -27.41 -5.06 -5.22
N CYS A 242 -27.15 -5.76 -6.33
CA CYS A 242 -25.79 -5.99 -6.78
C CYS A 242 -25.25 -4.71 -7.41
N GLU A 243 -24.53 -3.93 -6.62
CA GLU A 243 -24.00 -2.65 -7.07
C GLU A 243 -22.55 -2.82 -7.54
N LEU A 244 -21.93 -1.68 -7.89
CA LEU A 244 -20.52 -1.64 -8.22
C LEU A 244 -19.68 -0.99 -7.13
N HIS A 245 -20.26 -0.11 -6.33
CA HIS A 245 -19.57 0.50 -5.21
C HIS A 245 -20.56 0.72 -4.08
N CYS A 246 -20.05 0.66 -2.85
CA CYS A 246 -20.90 1.01 -1.72
C CYS A 246 -21.16 2.51 -1.70
N PRO A 247 -22.36 2.94 -1.31
CA PRO A 247 -22.65 4.37 -1.26
C PRO A 247 -21.69 5.10 -0.33
N ALA A 248 -21.33 6.32 -0.71
CA ALA A 248 -20.33 7.08 0.01
C ALA A 248 -20.83 7.46 1.41
N LEU A 249 -19.88 7.72 2.30
CA LEU A 249 -20.17 8.14 3.66
C LEU A 249 -20.30 9.65 3.78
N VAL A 250 -20.15 10.38 2.67
CA VAL A 250 -20.18 11.83 2.69
C VAL A 250 -20.56 12.31 1.29
N THR A 251 -21.25 13.44 1.22
CA THR A 251 -21.66 14.03 -0.04
C THR A 251 -20.99 15.39 -0.20
N TYR A 252 -20.72 15.77 -1.45
CA TYR A 252 -19.94 16.95 -1.76
C TYR A 252 -20.79 17.99 -2.49
N ASN A 253 -20.48 19.26 -2.24
CA ASN A 253 -21.17 20.36 -2.92
C ASN A 253 -20.80 20.46 -4.39
N THR A 254 -19.74 19.75 -4.80
CA THR A 254 -19.25 19.57 -6.18
C THR A 254 -18.93 20.90 -6.86
N ASP A 255 -19.10 22.01 -6.15
CA ASP A 255 -18.60 23.30 -6.61
C ASP A 255 -17.59 23.85 -5.62
N THR A 256 -17.97 23.85 -4.34
CA THR A 256 -17.04 24.20 -3.27
C THR A 256 -16.38 22.96 -2.66
N PHE A 257 -16.99 21.79 -2.85
CA PHE A 257 -16.48 20.51 -2.34
C PHE A 257 -16.35 20.53 -0.82
N GLU A 258 -17.51 20.67 -0.17
CA GLU A 258 -17.62 20.60 1.27
C GLU A 258 -18.12 19.23 1.69
N SER A 259 -17.90 18.89 2.95
CA SER A 259 -18.21 17.56 3.48
C SER A 259 -19.52 17.62 4.26
N MET A 260 -20.51 16.86 3.80
CA MET A 260 -21.78 16.70 4.49
C MET A 260 -22.08 15.23 4.67
N PRO A 261 -22.35 14.77 5.90
CA PRO A 261 -22.58 13.33 6.13
C PRO A 261 -23.78 12.83 5.34
N ASN A 262 -23.65 11.60 4.82
CA ASN A 262 -24.72 10.99 4.03
C ASN A 262 -25.48 9.98 4.89
N PRO A 263 -26.79 10.16 5.08
CA PRO A 263 -27.55 9.18 5.85
C PRO A 263 -27.58 7.78 5.25
N GLU A 264 -27.31 7.63 3.95
CA GLU A 264 -27.22 6.33 3.31
C GLU A 264 -25.79 5.82 3.23
N GLY A 265 -24.93 6.27 4.13
CA GLY A 265 -23.53 5.84 4.10
C GLY A 265 -23.40 4.38 4.51
N ARG A 266 -22.76 3.59 3.66
CA ARG A 266 -22.52 2.18 3.93
C ARG A 266 -21.02 1.91 3.92
N TYR A 267 -20.63 0.93 4.73
CA TYR A 267 -19.23 0.52 4.84
C TYR A 267 -18.98 -0.73 4.01
N THR A 268 -17.77 -0.84 3.47
CA THR A 268 -17.37 -1.98 2.67
C THR A 268 -16.86 -3.08 3.60
N PHE A 269 -17.48 -4.26 3.52
CA PHE A 269 -17.11 -5.40 4.34
C PHE A 269 -17.12 -6.64 3.44
N GLY A 270 -15.95 -7.00 2.92
CA GLY A 270 -15.86 -8.11 2.00
C GLY A 270 -16.53 -7.81 0.68
N ALA A 271 -17.67 -8.45 0.42
CA ALA A 271 -18.45 -8.25 -0.80
C ALA A 271 -19.88 -7.84 -0.48
N SER A 272 -20.04 -6.94 0.48
CA SER A 272 -21.36 -6.47 0.87
C SER A 272 -21.25 -5.11 1.52
N CYS A 273 -22.30 -4.30 1.36
CA CYS A 273 -22.38 -3.01 2.02
C CYS A 273 -23.08 -3.15 3.37
N VAL A 274 -22.45 -2.63 4.41
CA VAL A 274 -22.96 -2.75 5.77
C VAL A 274 -23.11 -1.34 6.37
N THR A 275 -24.14 -1.17 7.19
CA THR A 275 -24.34 0.13 7.85
C THR A 275 -23.21 0.42 8.85
N ALA A 276 -22.73 -0.61 9.55
CA ALA A 276 -21.62 -0.45 10.48
C ALA A 276 -20.73 -1.68 10.39
N CYS A 277 -19.46 -1.51 10.73
CA CYS A 277 -18.52 -2.61 10.71
C CYS A 277 -18.87 -3.61 11.83
N PRO A 278 -18.49 -4.89 11.66
CA PRO A 278 -18.83 -5.89 12.68
C PRO A 278 -18.15 -5.62 14.02
N TYR A 279 -18.44 -6.48 15.00
CA TYR A 279 -18.02 -6.22 16.37
C TYR A 279 -16.50 -6.18 16.49
N ASN A 280 -15.81 -7.15 15.90
CA ASN A 280 -14.36 -7.27 16.03
C ASN A 280 -13.60 -6.47 14.98
N TYR A 281 -14.27 -5.92 13.99
CA TYR A 281 -13.59 -5.19 12.92
C TYR A 281 -13.43 -3.71 13.28
N LEU A 282 -12.75 -2.98 12.39
CA LEU A 282 -12.47 -1.57 12.56
C LEU A 282 -13.02 -0.79 11.37
N SER A 283 -13.60 0.37 11.64
CA SER A 283 -14.19 1.21 10.61
C SER A 283 -13.24 2.37 10.30
N THR A 284 -13.04 2.62 9.01
CA THR A 284 -12.11 3.64 8.54
C THR A 284 -12.87 4.76 7.83
N ASP A 285 -12.28 5.96 7.89
CA ASP A 285 -12.90 7.12 7.25
C ASP A 285 -13.07 6.91 5.75
N VAL A 286 -12.17 6.16 5.12
CA VAL A 286 -12.29 5.89 3.69
C VAL A 286 -13.49 4.99 3.41
N GLY A 287 -13.93 4.20 4.39
CA GLY A 287 -15.09 3.34 4.22
C GLY A 287 -14.75 1.88 4.02
N PHE A 288 -13.91 1.36 4.91
CA PHE A 288 -13.45 -0.01 4.83
C PHE A 288 -13.45 -0.67 6.20
N CYS A 289 -13.95 -1.89 6.30
CA CYS A 289 -13.95 -2.64 7.55
C CYS A 289 -12.60 -3.32 7.67
N THR A 290 -11.75 -2.80 8.55
CA THR A 290 -10.36 -3.23 8.67
C THR A 290 -10.15 -3.99 9.98
N LEU A 291 -9.03 -4.71 10.03
CA LEU A 291 -8.52 -5.28 11.27
C LEU A 291 -7.29 -4.54 11.78
N VAL A 292 -6.72 -3.68 10.94
CA VAL A 292 -5.56 -2.87 11.30
C VAL A 292 -5.73 -1.47 10.72
N CYS A 293 -5.45 -0.44 11.51
CA CYS A 293 -5.61 0.92 11.02
C CYS A 293 -4.52 1.25 10.00
N PRO A 294 -4.82 2.07 9.00
CA PRO A 294 -3.82 2.46 8.01
C PRO A 294 -2.81 3.43 8.61
N LEU A 295 -1.86 3.84 7.77
CA LEU A 295 -0.82 4.76 8.22
C LEU A 295 -1.40 6.13 8.54
N HIS A 296 -0.83 6.77 9.57
CA HIS A 296 -1.29 8.07 10.06
C HIS A 296 -2.75 8.03 10.53
N ASN A 297 -3.26 6.83 10.76
CA ASN A 297 -4.54 6.63 11.44
C ASN A 297 -4.27 6.09 12.84
N GLN A 298 -5.33 5.96 13.63
CA GLN A 298 -5.16 5.51 15.00
C GLN A 298 -6.44 4.84 15.47
N GLU A 299 -6.28 3.79 16.26
CA GLU A 299 -7.40 3.01 16.79
C GLU A 299 -7.83 3.60 18.12
N VAL A 300 -9.07 4.07 18.19
CA VAL A 300 -9.61 4.68 19.40
C VAL A 300 -10.99 4.10 19.69
N THR A 301 -11.41 4.24 20.93
CA THR A 301 -12.70 3.75 21.39
C THR A 301 -13.70 4.91 21.44
N ALA A 302 -14.86 4.71 20.83
CA ALA A 302 -15.91 5.71 20.83
C ALA A 302 -16.60 5.75 22.19
N GLU A 303 -17.55 6.68 22.34
CA GLU A 303 -18.26 6.82 23.61
C GLU A 303 -19.07 5.56 23.94
N ASP A 304 -19.74 4.98 22.95
CA ASP A 304 -20.49 3.75 23.18
C ASP A 304 -19.58 2.59 23.56
N GLY A 305 -18.44 2.48 22.88
CA GLY A 305 -17.49 1.42 23.18
C GLY A 305 -17.08 0.64 21.94
N THR A 306 -17.39 1.15 20.77
CA THR A 306 -17.07 0.49 19.51
C THR A 306 -15.66 0.86 19.07
N GLN A 307 -15.10 0.03 18.19
CA GLN A 307 -13.75 0.25 17.69
C GLN A 307 -13.78 1.07 16.41
N ARG A 308 -12.82 1.99 16.27
CA ARG A 308 -12.81 2.91 15.14
C ARG A 308 -11.38 3.32 14.83
N CYS A 309 -11.06 3.35 13.54
CA CYS A 309 -9.80 3.90 13.05
C CYS A 309 -10.00 5.39 12.77
N GLU A 310 -9.32 6.24 13.51
CA GLU A 310 -9.51 7.68 13.42
C GLU A 310 -8.17 8.35 13.14
N LYS A 311 -8.21 9.40 12.31
CA LYS A 311 -7.01 10.09 11.88
C LYS A 311 -6.34 10.81 13.06
N CYS A 312 -5.15 11.35 12.79
CA CYS A 312 -4.41 12.11 13.80
C CYS A 312 -3.45 13.04 13.10
N SER A 313 -3.54 14.34 13.43
CA SER A 313 -2.59 15.30 12.89
C SER A 313 -1.20 15.08 13.44
N LYS A 314 -1.09 14.91 14.76
CA LYS A 314 0.18 14.60 15.38
C LYS A 314 0.59 13.17 15.05
N PRO A 315 1.88 12.85 15.16
CA PRO A 315 2.32 11.48 14.90
C PRO A 315 1.71 10.50 15.87
N CYS A 316 1.52 9.27 15.39
CA CYS A 316 0.89 8.23 16.18
C CYS A 316 1.72 7.90 17.41
N ALA A 317 1.02 7.58 18.50
CA ALA A 317 1.68 7.20 19.74
C ALA A 317 2.43 5.88 19.56
N ARG A 318 3.53 5.73 20.30
CA ARG A 318 4.35 4.54 20.21
C ARG A 318 3.57 3.35 20.75
N VAL A 319 3.33 2.35 19.90
CA VAL A 319 2.61 1.15 20.28
C VAL A 319 3.54 -0.04 20.18
N CYS A 320 3.22 -1.09 20.94
CA CYS A 320 4.01 -2.31 20.93
C CYS A 320 3.51 -3.26 19.86
N TYR A 321 4.45 -3.99 19.26
CA TYR A 321 4.14 -4.89 18.15
C TYR A 321 4.56 -6.31 18.51
N GLY A 322 3.71 -7.28 18.16
CA GLY A 322 3.98 -8.67 18.38
C GLY A 322 4.38 -9.39 17.12
N LEU A 323 4.30 -10.72 17.17
CA LEU A 323 4.65 -11.54 16.01
C LEU A 323 3.68 -11.30 14.87
N GLY A 324 4.21 -11.29 13.65
CA GLY A 324 3.41 -11.03 12.47
C GLY A 324 3.21 -9.58 12.14
N MET A 325 3.73 -8.66 12.96
CA MET A 325 3.49 -7.24 12.81
C MET A 325 4.80 -6.57 12.40
N GLU A 326 4.79 -5.23 12.42
CA GLU A 326 5.67 -4.38 11.62
C GLU A 326 7.10 -4.89 11.47
N HIS A 327 7.81 -5.09 12.57
CA HIS A 327 9.19 -5.55 12.51
C HIS A 327 9.36 -6.98 13.03
N LEU A 328 8.25 -7.69 13.27
CA LEU A 328 8.29 -9.08 13.73
C LEU A 328 7.43 -9.98 12.84
N ARG A 329 7.38 -9.67 11.54
CA ARG A 329 6.52 -10.41 10.62
C ARG A 329 6.98 -11.85 10.40
N GLU A 330 8.22 -12.19 10.76
CA GLU A 330 8.74 -13.51 10.50
C GLU A 330 9.17 -14.26 11.76
N VAL A 331 9.19 -13.60 12.92
CA VAL A 331 9.52 -14.29 14.16
C VAL A 331 8.42 -15.28 14.51
N ARG A 332 8.81 -16.52 14.83
CA ARG A 332 7.86 -17.57 15.12
C ARG A 332 7.61 -17.78 16.60
N ALA A 333 8.51 -17.33 17.47
CA ALA A 333 8.33 -17.52 18.90
C ALA A 333 9.10 -16.43 19.65
N VAL A 334 8.69 -16.21 20.89
CA VAL A 334 9.34 -15.19 21.73
C VAL A 334 10.61 -15.78 22.31
N THR A 335 11.75 -15.25 21.89
CA THR A 335 13.07 -15.63 22.41
C THR A 335 13.54 -14.56 23.40
N SER A 336 14.79 -14.70 23.85
CA SER A 336 15.37 -13.71 24.74
C SER A 336 15.89 -12.48 24.01
N ALA A 337 15.94 -12.50 22.68
CA ALA A 337 16.36 -11.33 21.93
C ALA A 337 15.27 -10.26 21.90
N ASN A 338 14.01 -10.67 21.71
CA ASN A 338 12.89 -9.75 21.60
C ASN A 338 12.07 -9.68 22.88
N ILE A 339 12.51 -10.34 23.96
CA ILE A 339 11.77 -10.32 25.22
C ILE A 339 11.76 -8.94 25.86
N GLN A 340 12.75 -8.09 25.57
CA GLN A 340 12.80 -6.75 26.15
C GLN A 340 11.88 -5.76 25.44
N GLU A 341 11.41 -6.09 24.23
CA GLU A 341 10.52 -5.19 23.51
C GLU A 341 9.19 -5.01 24.24
N PHE A 342 8.66 -6.08 24.82
CA PHE A 342 7.39 -6.02 25.54
C PHE A 342 7.60 -5.54 26.97
N ALA A 343 8.21 -4.38 27.15
CA ALA A 343 8.50 -3.84 28.47
C ALA A 343 7.44 -2.79 28.81
N GLY A 344 6.57 -3.11 29.76
CA GLY A 344 5.55 -2.17 30.18
C GLY A 344 4.43 -1.96 29.20
N CYS A 345 4.25 -2.87 28.24
CA CYS A 345 3.24 -2.71 27.21
C CYS A 345 1.86 -3.05 27.77
N LYS A 346 1.03 -2.02 27.97
CA LYS A 346 -0.35 -2.24 28.37
C LYS A 346 -1.21 -2.80 27.25
N LYS A 347 -0.69 -2.82 26.02
CA LYS A 347 -1.39 -3.39 24.88
C LYS A 347 -0.35 -3.87 23.88
N ILE A 348 -0.63 -5.02 23.27
CA ILE A 348 0.27 -5.61 22.29
C ILE A 348 -0.49 -5.74 20.97
N PHE A 349 0.01 -5.06 19.94
CA PHE A 349 -0.54 -5.18 18.60
C PHE A 349 0.15 -6.34 17.92
N GLY A 350 -0.49 -7.51 17.93
CA GLY A 350 0.06 -8.72 17.40
C GLY A 350 -0.17 -9.87 18.35
N SER A 351 0.42 -11.01 18.02
CA SER A 351 0.20 -12.25 18.75
C SER A 351 1.30 -12.47 19.79
N LEU A 352 1.28 -13.64 20.42
CA LEU A 352 2.30 -14.00 21.40
C LEU A 352 2.38 -15.53 21.41
N ALA A 353 3.50 -16.07 20.96
CA ALA A 353 3.69 -17.51 20.84
C ALA A 353 4.88 -17.96 21.67
N PHE A 354 4.78 -19.15 22.25
CA PHE A 354 5.84 -19.75 23.05
C PHE A 354 6.05 -21.19 22.56
N LEU A 355 6.95 -21.36 21.61
CA LEU A 355 7.29 -22.65 21.05
C LEU A 355 8.28 -23.38 21.95
N PRO A 356 8.46 -24.69 21.74
CA PRO A 356 9.44 -25.43 22.57
C PRO A 356 10.84 -24.86 22.51
N GLU A 357 11.23 -24.27 21.39
CA GLU A 357 12.56 -23.72 21.21
C GLU A 357 12.72 -22.34 21.84
N SER A 358 11.80 -21.92 22.71
CA SER A 358 11.87 -20.60 23.32
C SER A 358 12.60 -20.62 24.66
N PHE A 359 12.30 -21.59 25.51
CA PHE A 359 12.89 -21.67 26.84
C PHE A 359 14.24 -22.38 26.85
N ASP A 360 14.69 -22.90 25.71
CA ASP A 360 16.03 -23.42 25.56
C ASP A 360 16.70 -22.75 24.36
N GLY A 361 17.98 -22.47 24.50
CA GLY A 361 18.69 -21.72 23.48
C GLY A 361 18.78 -22.46 22.15
N ASP A 362 18.92 -21.68 21.09
CA ASP A 362 19.04 -22.22 19.74
C ASP A 362 20.50 -22.44 19.39
N PRO A 363 20.90 -23.65 19.00
CA PRO A 363 22.31 -23.89 18.68
C PRO A 363 22.83 -23.05 17.53
N ALA A 364 21.95 -22.61 16.63
CA ALA A 364 22.38 -21.85 15.46
C ALA A 364 23.03 -20.52 15.86
N SER A 365 22.38 -19.78 16.76
CA SER A 365 22.85 -18.48 17.20
C SER A 365 23.25 -18.53 18.66
N ASN A 366 23.65 -17.37 19.18
CA ASN A 366 23.98 -17.22 20.60
C ASN A 366 22.77 -16.75 21.41
N THR A 367 21.66 -17.47 21.30
CA THR A 367 20.41 -17.08 21.93
C THR A 367 20.36 -17.67 23.33
N ALA A 368 20.35 -16.80 24.34
CA ALA A 368 20.21 -17.27 25.72
C ALA A 368 18.80 -17.81 25.93
N PRO A 369 18.62 -18.83 26.78
CA PRO A 369 17.29 -19.36 27.02
C PRO A 369 16.46 -18.45 27.91
N LEU A 370 15.15 -18.60 27.81
CA LEU A 370 14.21 -17.76 28.56
C LEU A 370 14.21 -18.20 30.02
N GLN A 371 14.79 -17.38 30.89
CA GLN A 371 14.70 -17.64 32.32
C GLN A 371 13.25 -17.41 32.78
N PRO A 372 12.78 -18.20 33.75
CA PRO A 372 11.39 -18.02 34.23
C PRO A 372 11.13 -16.67 34.86
N GLU A 373 12.15 -15.95 35.32
CA GLU A 373 11.99 -14.62 35.89
C GLU A 373 11.94 -13.52 34.84
N GLN A 374 12.25 -13.85 33.58
CA GLN A 374 12.17 -12.85 32.51
C GLN A 374 10.73 -12.60 32.08
N LEU A 375 9.83 -13.56 32.33
CA LEU A 375 8.43 -13.46 31.89
C LEU A 375 7.61 -12.50 32.74
N GLN A 376 8.23 -11.73 33.65
CA GLN A 376 7.50 -10.77 34.45
C GLN A 376 7.21 -9.47 33.72
N VAL A 377 7.71 -9.32 32.49
CA VAL A 377 7.40 -8.12 31.72
C VAL A 377 5.95 -8.12 31.26
N PHE A 378 5.29 -9.28 31.29
CA PHE A 378 3.89 -9.40 30.89
C PHE A 378 2.92 -9.17 32.04
N GLU A 379 3.41 -8.75 33.21
CA GLU A 379 2.57 -8.50 34.37
C GLU A 379 1.82 -7.18 34.28
N THR A 380 1.88 -6.50 33.13
CA THR A 380 1.11 -5.29 32.89
C THR A 380 0.31 -5.35 31.60
N LEU A 381 0.50 -6.38 30.79
CA LEU A 381 -0.26 -6.54 29.55
C LEU A 381 -1.75 -6.71 29.86
N GLU A 382 -2.59 -5.97 29.13
CA GLU A 382 -4.02 -6.01 29.34
C GLU A 382 -4.83 -6.33 28.10
N GLU A 383 -4.23 -6.35 26.91
CA GLU A 383 -4.97 -6.58 25.68
C GLU A 383 -4.04 -7.12 24.60
N ILE A 384 -4.48 -8.17 23.93
CA ILE A 384 -3.75 -8.76 22.81
C ILE A 384 -4.69 -8.78 21.61
N THR A 385 -4.25 -8.17 20.51
CA THR A 385 -5.04 -8.11 19.29
C THR A 385 -4.87 -9.34 18.41
N GLY A 386 -4.03 -10.29 18.80
CA GLY A 386 -3.81 -11.52 18.07
C GLY A 386 -4.12 -12.72 18.94
N TYR A 387 -3.52 -13.85 18.56
CA TYR A 387 -3.73 -15.09 19.28
C TYR A 387 -2.74 -15.21 20.44
N LEU A 388 -2.95 -16.22 21.28
CA LEU A 388 -1.99 -16.61 22.31
C LEU A 388 -1.75 -18.10 22.18
N TYR A 389 -0.48 -18.49 22.03
CA TYR A 389 -0.11 -19.88 21.75
C TYR A 389 1.05 -20.25 22.65
N ILE A 390 0.77 -21.08 23.66
CA ILE A 390 1.78 -21.55 24.59
C ILE A 390 1.86 -23.06 24.46
N SER A 391 2.91 -23.54 23.79
CA SER A 391 3.15 -24.98 23.64
C SER A 391 4.33 -25.45 24.49
N ALA A 392 4.87 -24.59 25.34
CA ALA A 392 5.95 -24.95 26.25
C ALA A 392 5.94 -23.97 27.42
N TRP A 393 6.22 -24.48 28.61
CA TRP A 393 6.20 -23.67 29.81
C TRP A 393 7.14 -24.27 30.83
N PRO A 394 7.88 -23.45 31.59
CA PRO A 394 8.79 -24.00 32.60
C PRO A 394 8.04 -24.79 33.65
N ASP A 395 8.70 -25.85 34.15
CA ASP A 395 8.11 -26.69 35.18
C ASP A 395 8.15 -26.02 36.56
N SER A 396 8.99 -25.01 36.75
CA SER A 396 9.03 -24.29 38.02
C SER A 396 7.86 -23.34 38.19
N LEU A 397 7.15 -23.00 37.13
CA LEU A 397 5.96 -22.16 37.19
C LEU A 397 4.73 -23.04 37.11
N PRO A 398 3.89 -23.09 38.14
CA PRO A 398 2.77 -24.05 38.14
C PRO A 398 1.61 -23.65 37.25
N ASP A 399 1.51 -22.38 36.83
CA ASP A 399 0.39 -21.94 36.03
C ASP A 399 0.83 -20.79 35.14
N LEU A 400 -0.14 -20.10 34.54
CA LEU A 400 0.10 -18.93 33.71
C LEU A 400 -0.14 -17.64 34.49
N SER A 401 0.26 -17.61 35.75
CA SER A 401 0.04 -16.48 36.64
C SER A 401 0.83 -15.23 36.23
N VAL A 402 1.56 -15.28 35.11
CA VAL A 402 2.17 -14.06 34.57
C VAL A 402 1.20 -13.26 33.72
N PHE A 403 0.06 -13.84 33.34
CA PHE A 403 -0.96 -13.17 32.54
C PHE A 403 -2.19 -12.82 33.38
N GLN A 404 -1.99 -12.44 34.65
CA GLN A 404 -3.10 -12.12 35.52
C GLN A 404 -3.89 -10.92 35.01
N ASN A 405 -3.19 -9.89 34.53
CA ASN A 405 -3.84 -8.67 34.09
C ASN A 405 -4.33 -8.73 32.65
N LEU A 406 -4.13 -9.84 31.95
CA LEU A 406 -4.64 -10.01 30.59
C LEU A 406 -6.16 -10.09 30.64
N GLN A 407 -6.82 -9.03 30.16
CA GLN A 407 -8.28 -8.95 30.23
C GLN A 407 -8.96 -9.50 28.99
N VAL A 408 -8.51 -9.12 27.81
CA VAL A 408 -9.19 -9.45 26.56
C VAL A 408 -8.16 -9.92 25.53
N ILE A 409 -8.50 -10.98 24.80
CA ILE A 409 -7.74 -11.44 23.65
C ILE A 409 -8.66 -11.27 22.45
N ARG A 410 -8.40 -10.26 21.63
CA ARG A 410 -9.30 -9.91 20.54
C ARG A 410 -9.31 -10.94 19.43
N GLY A 411 -8.16 -11.55 19.15
CA GLY A 411 -8.10 -12.59 18.13
C GLY A 411 -8.36 -12.11 16.72
N ARG A 412 -7.84 -10.93 16.36
CA ARG A 412 -7.91 -10.50 14.97
C ARG A 412 -7.04 -11.38 14.07
N VAL A 413 -5.90 -11.82 14.59
CA VAL A 413 -5.04 -12.80 13.92
C VAL A 413 -5.12 -14.08 14.73
N LEU A 414 -5.47 -15.18 14.05
CA LEU A 414 -5.71 -16.46 14.70
C LEU A 414 -4.61 -17.46 14.33
N HIS A 415 -4.08 -18.14 15.35
CA HIS A 415 -3.10 -19.18 15.09
C HIS A 415 -3.76 -20.34 14.37
N ASN A 416 -3.12 -20.80 13.30
CA ASN A 416 -3.68 -21.78 12.37
C ASN A 416 -4.96 -21.29 11.71
N GLY A 417 -5.30 -20.02 11.90
CA GLY A 417 -6.50 -19.44 11.33
C GLY A 417 -7.78 -19.73 12.07
N ALA A 418 -7.73 -20.50 13.15
CA ALA A 418 -8.94 -20.86 13.89
C ALA A 418 -8.83 -20.61 15.38
N TYR A 419 -7.65 -20.80 15.96
CA TYR A 419 -7.47 -20.79 17.41
C TYR A 419 -6.94 -19.45 17.88
N SER A 420 -7.46 -18.97 19.02
CA SER A 420 -7.01 -17.74 19.63
C SER A 420 -6.40 -17.93 21.00
N LEU A 421 -6.52 -19.12 21.58
CA LEU A 421 -5.95 -19.42 22.89
C LEU A 421 -5.66 -20.91 22.94
N THR A 422 -4.39 -21.29 22.74
CA THR A 422 -4.00 -22.68 22.64
C THR A 422 -2.95 -22.98 23.70
N LEU A 423 -3.14 -24.06 24.45
CA LEU A 423 -2.17 -24.57 25.40
C LEU A 423 -1.91 -26.03 25.08
N GLN A 424 -0.63 -26.40 24.95
CA GLN A 424 -0.27 -27.72 24.46
C GLN A 424 0.94 -28.22 25.23
N GLY A 425 0.77 -29.34 25.94
CA GLY A 425 1.88 -29.97 26.65
C GLY A 425 2.58 -29.09 27.66
N LEU A 426 1.82 -28.34 28.45
CA LEU A 426 2.41 -27.39 29.40
C LEU A 426 2.74 -28.02 30.74
N GLY A 427 1.90 -28.95 31.21
CA GLY A 427 2.06 -29.46 32.56
C GLY A 427 1.84 -28.43 33.64
N ILE A 428 0.94 -27.46 33.40
CA ILE A 428 0.64 -26.45 34.39
C ILE A 428 -0.38 -27.00 35.37
N SER A 429 -0.54 -26.29 36.50
CA SER A 429 -1.34 -26.84 37.58
C SER A 429 -2.84 -26.65 37.35
N TRP A 430 -3.33 -25.41 37.34
CA TRP A 430 -4.77 -25.28 37.13
C TRP A 430 -5.17 -24.54 35.86
N LEU A 431 -5.04 -23.22 35.81
CA LEU A 431 -5.12 -22.51 34.54
C LEU A 431 -4.17 -21.32 34.46
N GLY A 432 -4.06 -20.57 35.56
CA GLY A 432 -3.29 -19.35 35.60
C GLY A 432 -4.03 -18.08 35.23
N LEU A 433 -4.88 -18.13 34.20
CA LEU A 433 -5.50 -16.92 33.65
C LEU A 433 -6.63 -16.38 34.53
N ARG A 434 -6.34 -15.37 35.34
CA ARG A 434 -7.37 -14.84 36.25
C ARG A 434 -8.37 -13.95 35.52
N SER A 435 -7.92 -12.83 34.96
CA SER A 435 -8.81 -11.75 34.54
C SER A 435 -9.21 -11.81 33.08
N LEU A 436 -8.96 -12.93 32.41
CA LEU A 436 -9.39 -13.10 31.01
C LEU A 436 -10.90 -13.13 30.98
N ARG A 437 -11.52 -12.07 30.43
CA ARG A 437 -12.96 -11.93 30.45
C ARG A 437 -13.60 -11.91 29.07
N GLU A 438 -12.81 -11.91 27.99
CA GLU A 438 -13.38 -11.79 26.65
C GLU A 438 -12.43 -12.39 25.63
N LEU A 439 -12.97 -13.27 24.78
CA LEU A 439 -12.27 -13.77 23.60
C LEU A 439 -13.03 -13.26 22.38
N GLY A 440 -12.43 -12.30 21.68
CA GLY A 440 -13.16 -11.63 20.60
C GLY A 440 -13.54 -12.56 19.47
N SER A 441 -12.63 -13.44 19.05
CA SER A 441 -12.91 -14.37 17.98
C SER A 441 -11.97 -15.57 18.12
N GLY A 442 -12.29 -16.63 17.39
CA GLY A 442 -11.48 -17.83 17.41
C GLY A 442 -11.76 -18.73 18.59
N LEU A 443 -11.59 -20.03 18.39
CA LEU A 443 -11.87 -21.02 19.43
C LEU A 443 -10.74 -21.03 20.45
N ALA A 444 -10.90 -21.87 21.47
CA ALA A 444 -9.87 -22.11 22.48
C ALA A 444 -9.57 -23.60 22.51
N LEU A 445 -8.29 -23.94 22.59
CA LEU A 445 -7.85 -25.34 22.50
C LEU A 445 -6.84 -25.61 23.62
N ILE A 446 -7.31 -26.25 24.69
CA ILE A 446 -6.47 -26.63 25.82
C ILE A 446 -6.48 -28.15 25.88
N HIS A 447 -5.37 -28.77 25.50
CA HIS A 447 -5.34 -30.21 25.29
C HIS A 447 -3.96 -30.78 25.58
N HIS A 448 -3.94 -32.08 25.88
CA HIS A 448 -2.71 -32.83 26.17
C HIS A 448 -1.87 -32.19 27.27
N ASN A 449 -2.51 -31.73 28.34
CA ASN A 449 -1.84 -31.34 29.57
C ASN A 449 -2.19 -32.35 30.66
N THR A 450 -1.18 -33.04 31.18
CA THR A 450 -1.43 -34.16 32.08
C THR A 450 -1.90 -33.71 33.45
N HIS A 451 -1.31 -32.64 33.99
CA HIS A 451 -1.64 -32.15 35.33
C HIS A 451 -2.64 -31.01 35.30
N LEU A 452 -3.55 -30.99 34.32
CA LEU A 452 -4.43 -29.86 34.07
C LEU A 452 -5.81 -30.13 34.65
N CYS A 453 -6.11 -29.51 35.78
CA CYS A 453 -7.46 -29.49 36.32
C CYS A 453 -8.09 -28.13 36.00
N PHE A 454 -9.31 -27.91 36.50
CA PHE A 454 -10.00 -26.62 36.38
C PHE A 454 -10.24 -26.25 34.91
N VAL A 455 -10.77 -27.19 34.14
CA VAL A 455 -11.07 -26.94 32.74
C VAL A 455 -12.57 -26.77 32.52
N HIS A 456 -13.37 -27.68 33.06
CA HIS A 456 -14.82 -27.63 32.90
C HIS A 456 -15.50 -26.63 33.82
N THR A 457 -14.75 -26.00 34.74
CA THR A 457 -15.31 -25.07 35.71
C THR A 457 -15.00 -23.61 35.39
N VAL A 458 -14.86 -23.28 34.11
CA VAL A 458 -14.54 -21.94 33.67
C VAL A 458 -15.74 -21.40 32.91
N PRO A 459 -16.19 -20.17 33.17
CA PRO A 459 -17.35 -19.64 32.43
C PRO A 459 -16.99 -19.35 30.97
N TRP A 460 -16.90 -20.42 30.17
CA TRP A 460 -16.51 -20.30 28.78
C TRP A 460 -17.58 -19.68 27.91
N ASP A 461 -18.80 -19.50 28.43
CA ASP A 461 -19.84 -18.83 27.67
C ASP A 461 -19.86 -17.33 27.94
N GLN A 462 -19.35 -16.91 29.10
CA GLN A 462 -19.27 -15.50 29.46
C GLN A 462 -18.06 -14.80 28.86
N LEU A 463 -17.15 -15.55 28.23
CA LEU A 463 -15.97 -14.98 27.59
C LEU A 463 -16.08 -14.88 26.08
N PHE A 464 -16.92 -15.70 25.45
CA PHE A 464 -17.07 -15.68 24.00
C PHE A 464 -17.97 -14.52 23.58
N ARG A 465 -17.98 -14.24 22.28
CA ARG A 465 -18.72 -13.10 21.76
C ARG A 465 -19.54 -13.42 20.51
N ASN A 466 -19.56 -14.67 20.04
CA ASN A 466 -20.33 -15.04 18.88
C ASN A 466 -20.65 -16.52 18.97
N PRO A 467 -21.69 -16.98 18.25
CA PRO A 467 -22.06 -18.40 18.33
C PRO A 467 -21.03 -19.35 17.72
N HIS A 468 -20.03 -18.85 17.00
CA HIS A 468 -19.04 -19.69 16.35
C HIS A 468 -17.83 -19.97 17.24
N GLN A 469 -17.83 -19.49 18.48
CA GLN A 469 -16.75 -19.77 19.41
C GLN A 469 -17.12 -20.94 20.32
N ALA A 470 -16.13 -21.79 20.61
CA ALA A 470 -16.34 -22.98 21.41
C ALA A 470 -15.04 -23.30 22.14
N LEU A 471 -15.08 -24.35 22.96
CA LEU A 471 -13.91 -24.84 23.69
C LEU A 471 -13.65 -26.28 23.29
N LEU A 472 -12.44 -26.56 22.84
CA LEU A 472 -12.02 -27.91 22.50
C LEU A 472 -10.94 -28.36 23.48
N HIS A 473 -11.19 -29.48 24.16
CA HIS A 473 -10.26 -29.99 25.15
C HIS A 473 -10.30 -31.51 25.14
N THR A 474 -9.11 -32.13 25.25
CA THR A 474 -9.00 -33.58 25.27
C THR A 474 -7.66 -33.96 25.88
N ALA A 475 -7.59 -35.22 26.34
CA ALA A 475 -6.35 -35.79 26.89
C ALA A 475 -5.80 -34.96 28.04
N ASN A 476 -6.70 -34.43 28.86
CA ASN A 476 -6.31 -33.66 30.03
C ASN A 476 -6.38 -34.56 31.28
N ARG A 477 -6.18 -33.96 32.44
CA ARG A 477 -6.33 -34.70 33.68
C ARG A 477 -7.79 -35.11 33.85
N PRO A 478 -8.06 -36.37 34.22
CA PRO A 478 -9.46 -36.80 34.39
C PRO A 478 -10.17 -35.98 35.47
N GLU A 479 -11.44 -35.71 35.23
CA GLU A 479 -12.21 -34.87 36.15
C GLU A 479 -12.47 -35.57 37.48
N ASP A 480 -12.64 -36.90 37.46
CA ASP A 480 -12.90 -37.62 38.70
C ASP A 480 -11.71 -37.52 39.66
N GLU A 481 -10.49 -37.51 39.13
CA GLU A 481 -9.31 -37.30 39.96
C GLU A 481 -9.15 -35.86 40.40
N CYS A 482 -9.66 -34.90 39.62
CA CYS A 482 -9.55 -33.49 40.01
C CYS A 482 -10.40 -33.19 41.24
N VAL A 483 -11.64 -33.69 41.27
CA VAL A 483 -12.53 -33.39 42.39
C VAL A 483 -12.09 -34.10 43.66
N GLY A 484 -11.48 -35.29 43.54
CA GLY A 484 -11.09 -36.06 44.70
C GLY A 484 -9.74 -35.67 45.27
N GLU A 485 -9.44 -34.38 45.32
CA GLU A 485 -8.18 -33.91 45.88
C GLU A 485 -8.40 -32.71 46.79
N GLY A 486 -9.64 -32.23 46.87
CA GLY A 486 -9.95 -31.01 47.58
C GLY A 486 -9.86 -29.74 46.76
N LEU A 487 -9.64 -29.90 45.45
CA LEU A 487 -9.58 -28.76 44.49
C LEU A 487 -10.87 -28.79 43.67
N ALA A 488 -11.90 -28.07 44.13
CA ALA A 488 -13.19 -28.13 43.46
C ALA A 488 -13.89 -26.76 43.51
N CYS A 489 -13.16 -25.69 43.17
CA CYS A 489 -13.74 -24.34 43.17
C CYS A 489 -14.27 -23.96 44.54
N HIS A 490 -13.36 -23.67 45.48
CA HIS A 490 -13.70 -23.29 46.85
C HIS A 490 -15.00 -22.49 46.90
N GLN A 491 -15.90 -22.91 47.79
CA GLN A 491 -17.31 -22.57 47.68
C GLN A 491 -17.56 -21.06 47.75
N LEU A 492 -16.58 -20.30 48.23
CA LEU A 492 -16.79 -18.85 48.38
C LEU A 492 -16.90 -18.15 47.03
N CYS A 493 -16.48 -18.78 45.94
CA CYS A 493 -16.74 -18.25 44.60
C CYS A 493 -18.22 -18.38 44.29
N ALA A 494 -18.80 -17.34 43.69
CA ALA A 494 -20.22 -17.37 43.37
C ALA A 494 -20.50 -18.30 42.18
N ARG A 495 -21.61 -19.03 42.29
CA ARG A 495 -22.13 -19.93 41.25
C ARG A 495 -21.13 -20.95 40.75
N GLY A 496 -20.11 -21.28 41.54
CA GLY A 496 -19.18 -22.33 41.18
C GLY A 496 -18.38 -22.07 39.91
N HIS A 497 -17.97 -20.83 39.69
CA HIS A 497 -17.08 -20.47 38.58
C HIS A 497 -15.76 -20.00 39.17
N CYS A 498 -14.72 -20.80 38.98
CA CYS A 498 -13.43 -20.54 39.61
C CYS A 498 -12.33 -20.68 38.57
N TRP A 499 -11.23 -19.97 38.81
CA TRP A 499 -10.06 -20.04 37.95
C TRP A 499 -9.01 -21.00 38.50
N GLY A 500 -9.09 -21.36 39.77
CA GLY A 500 -8.13 -22.24 40.40
C GLY A 500 -8.32 -22.32 41.90
N PRO A 501 -7.44 -23.07 42.57
CA PRO A 501 -7.55 -23.27 44.03
C PRO A 501 -7.18 -22.00 44.79
N GLY A 502 -7.86 -21.78 45.92
CA GLY A 502 -7.49 -20.70 46.81
C GLY A 502 -8.60 -19.69 46.98
N PRO A 503 -8.44 -18.76 47.93
CA PRO A 503 -9.39 -17.65 48.05
C PRO A 503 -9.41 -16.76 46.83
N THR A 504 -8.33 -16.73 46.06
CA THR A 504 -8.27 -15.99 44.80
C THR A 504 -8.91 -16.85 43.70
N GLN A 505 -8.74 -16.44 42.45
CA GLN A 505 -9.16 -17.22 41.29
C GLN A 505 -10.67 -17.42 41.21
N CYS A 506 -11.45 -16.63 41.95
CA CYS A 506 -12.89 -16.63 41.79
C CYS A 506 -13.26 -15.71 40.62
N VAL A 507 -13.97 -16.26 39.64
CA VAL A 507 -14.37 -15.47 38.48
C VAL A 507 -15.30 -14.34 38.91
N ASN A 508 -16.35 -14.67 39.65
CA ASN A 508 -17.33 -13.72 40.15
C ASN A 508 -17.47 -13.93 41.65
N CYS A 509 -17.12 -12.90 42.44
CA CYS A 509 -17.18 -13.00 43.89
C CYS A 509 -18.61 -13.11 44.37
N SER A 510 -18.79 -13.70 45.56
CA SER A 510 -20.14 -13.85 46.10
C SER A 510 -20.42 -12.83 47.20
N GLN A 511 -19.63 -12.81 48.28
CA GLN A 511 -19.89 -11.86 49.37
C GLN A 511 -19.10 -10.55 49.26
N PHE A 512 -17.77 -10.63 49.38
CA PHE A 512 -16.95 -9.42 49.46
C PHE A 512 -15.57 -9.68 48.89
N LEU A 513 -14.87 -8.60 48.55
CA LEU A 513 -13.49 -8.66 48.06
C LEU A 513 -12.57 -8.02 49.08
N ARG A 514 -11.37 -8.57 49.23
CA ARG A 514 -10.27 -7.90 49.91
C ARG A 514 -9.05 -8.01 48.99
N GLY A 515 -8.87 -7.01 48.14
CA GLY A 515 -7.81 -7.09 47.15
C GLY A 515 -8.22 -8.04 46.03
N GLN A 516 -7.33 -8.98 45.72
CA GLN A 516 -7.54 -9.93 44.64
C GLN A 516 -8.11 -11.26 45.12
N GLU A 517 -8.41 -11.39 46.40
CA GLU A 517 -8.88 -12.65 46.98
C GLU A 517 -10.34 -12.51 47.40
N CYS A 518 -11.10 -13.60 47.26
CA CYS A 518 -12.50 -13.63 47.65
C CYS A 518 -12.59 -13.91 49.15
N VAL A 519 -13.33 -13.07 49.87
CA VAL A 519 -13.33 -13.08 51.33
C VAL A 519 -14.79 -13.04 51.78
N GLU A 520 -15.02 -12.88 53.08
CA GLU A 520 -16.35 -12.82 53.68
C GLU A 520 -16.51 -11.45 54.32
N GLU A 521 -17.53 -11.29 55.17
CA GLU A 521 -17.84 -10.03 55.83
C GLU A 521 -16.59 -9.27 56.26
N CYS A 522 -16.53 -7.99 55.91
CA CYS A 522 -15.31 -7.21 56.10
C CYS A 522 -14.95 -7.10 57.58
N ARG A 523 -13.72 -6.64 57.85
CA ARG A 523 -13.25 -6.40 59.20
C ARG A 523 -13.54 -4.98 59.67
N VAL A 524 -14.62 -4.38 59.18
CA VAL A 524 -14.94 -3.00 59.52
C VAL A 524 -15.15 -2.85 61.02
N LEU A 525 -15.89 -3.77 61.62
CA LEU A 525 -16.24 -3.63 63.04
C LEU A 525 -15.20 -4.25 63.95
N GLN A 526 -14.39 -5.18 63.45
CA GLN A 526 -13.43 -5.89 64.28
C GLN A 526 -12.09 -6.05 63.58
N GLY A 527 -11.61 -4.96 62.96
CA GLY A 527 -10.31 -4.96 62.32
C GLY A 527 -9.51 -3.72 62.73
N LEU A 528 -8.19 -3.87 62.76
CA LEU A 528 -7.32 -2.74 63.11
C LEU A 528 -7.47 -1.62 62.08
N PRO A 529 -7.42 -1.91 60.76
CA PRO A 529 -7.79 -0.87 59.78
C PRO A 529 -9.29 -0.83 59.57
N ARG A 530 -9.90 0.34 59.74
CA ARG A 530 -11.34 0.45 59.54
C ARG A 530 -11.65 0.63 58.07
N GLU A 531 -12.58 -0.17 57.55
CA GLU A 531 -12.84 -0.27 56.13
C GLU A 531 -14.20 0.33 55.80
N TYR A 532 -14.40 0.65 54.53
CA TYR A 532 -15.69 1.06 54.00
C TYR A 532 -16.02 0.18 52.81
N VAL A 533 -17.21 -0.42 52.82
CA VAL A 533 -17.60 -1.37 51.79
C VAL A 533 -18.16 -0.60 50.59
N ASN A 534 -17.43 -0.61 49.49
CA ASN A 534 -17.86 -0.01 48.24
C ASN A 534 -17.96 -1.10 47.18
N ALA A 535 -19.19 -1.51 46.88
CA ALA A 535 -19.49 -2.59 45.93
C ALA A 535 -18.79 -3.88 46.33
N ARG A 536 -18.97 -4.24 47.61
CA ARG A 536 -18.44 -5.50 48.16
C ARG A 536 -16.91 -5.57 48.03
N HIS A 537 -16.22 -4.52 48.51
CA HIS A 537 -14.76 -4.43 48.42
C HIS A 537 -14.23 -3.95 49.77
N CYS A 538 -13.69 -4.88 50.56
CA CYS A 538 -12.97 -4.51 51.77
C CYS A 538 -11.75 -3.67 51.39
N LEU A 539 -11.56 -2.53 52.05
CA LEU A 539 -10.45 -1.62 51.76
C LEU A 539 -9.92 -1.04 53.06
N PRO A 540 -8.70 -1.42 53.46
CA PRO A 540 -8.17 -0.99 54.76
C PRO A 540 -7.81 0.48 54.81
N CYS A 541 -8.38 1.21 55.77
CA CYS A 541 -8.04 2.59 56.03
C CYS A 541 -7.64 2.75 57.50
N HIS A 542 -6.57 3.52 57.73
CA HIS A 542 -6.04 3.66 59.08
C HIS A 542 -6.87 4.64 59.88
N PRO A 543 -7.46 4.24 61.01
CA PRO A 543 -8.33 5.15 61.76
C PRO A 543 -7.59 5.95 62.83
N GLU A 544 -6.66 6.81 62.42
CA GLU A 544 -5.91 7.59 63.39
C GLU A 544 -6.66 8.87 63.75
N CYS A 545 -7.95 8.74 64.09
CA CYS A 545 -8.68 9.87 64.63
C CYS A 545 -9.37 9.51 65.94
N GLN A 546 -9.97 8.31 65.99
CA GLN A 546 -10.72 7.82 67.15
C GLN A 546 -10.76 6.30 67.13
N PRO A 547 -9.95 5.63 67.96
CA PRO A 547 -10.03 4.16 68.03
C PRO A 547 -11.40 3.68 68.48
N GLN A 548 -12.09 2.96 67.62
CA GLN A 548 -13.43 2.47 67.94
C GLN A 548 -13.41 0.95 68.12
N ASN A 549 -14.50 0.43 68.67
CA ASN A 549 -14.61 -0.99 69.02
C ASN A 549 -15.92 -1.57 68.52
N GLY A 550 -16.24 -1.35 67.25
CA GLY A 550 -17.43 -1.93 66.69
C GLY A 550 -18.31 -0.98 65.90
N SER A 551 -17.78 0.19 65.57
CA SER A 551 -18.51 1.19 64.79
C SER A 551 -17.71 1.59 63.56
N VAL A 552 -18.43 2.02 62.53
CA VAL A 552 -17.80 2.47 61.30
C VAL A 552 -17.09 3.79 61.57
N THR A 553 -15.80 3.85 61.22
CA THR A 553 -14.99 5.02 61.55
C THR A 553 -14.98 6.03 60.41
N CYS A 554 -14.66 5.58 59.20
CA CYS A 554 -14.45 6.45 58.06
C CYS A 554 -15.48 6.18 56.97
N PHE A 555 -15.89 7.25 56.30
CA PHE A 555 -16.76 7.14 55.13
C PHE A 555 -15.99 7.11 53.82
N GLY A 556 -14.78 7.66 53.81
CA GLY A 556 -13.95 7.66 52.63
C GLY A 556 -12.48 7.75 52.98
N PRO A 557 -11.61 7.76 51.97
CA PRO A 557 -10.17 7.82 52.22
C PRO A 557 -9.65 9.22 52.54
N GLU A 558 -10.46 10.25 52.37
CA GLU A 558 -10.02 11.61 52.63
C GLU A 558 -10.08 11.91 54.13
N ALA A 559 -9.38 12.99 54.52
CA ALA A 559 -9.32 13.37 55.93
C ALA A 559 -10.64 13.96 56.42
N ASP A 560 -11.37 14.66 55.56
CA ASP A 560 -12.65 15.25 55.98
C ASP A 560 -13.69 14.19 56.31
N GLN A 561 -13.72 13.07 55.59
CA GLN A 561 -14.66 11.99 55.85
C GLN A 561 -14.34 11.20 57.11
N CYS A 562 -13.17 11.44 57.71
CA CYS A 562 -12.80 10.74 58.93
C CYS A 562 -13.68 11.17 60.09
N VAL A 563 -13.75 10.32 61.12
CA VAL A 563 -14.57 10.63 62.29
C VAL A 563 -14.06 11.84 63.06
N ALA A 564 -12.75 12.07 63.09
CA ALA A 564 -12.19 13.23 63.80
C ALA A 564 -10.91 13.70 63.12
N ASP B 1 -8.55 30.31 -4.62
CA ASP B 1 -7.25 29.73 -4.82
C ASP B 1 -6.19 30.44 -3.99
N ILE B 2 -5.21 29.68 -3.50
CA ILE B 2 -4.13 30.20 -2.68
C ILE B 2 -2.83 30.12 -3.47
N GLN B 3 -2.06 31.21 -3.45
CA GLN B 3 -0.76 31.27 -4.10
C GLN B 3 0.30 30.88 -3.08
N MET B 4 0.98 29.77 -3.35
CA MET B 4 1.97 29.22 -2.44
C MET B 4 3.35 29.62 -2.98
N THR B 5 4.00 30.56 -2.30
CA THR B 5 5.21 31.19 -2.82
C THR B 5 6.40 30.87 -1.91
N GLN B 6 7.49 30.42 -2.51
CA GLN B 6 8.75 30.20 -1.80
C GLN B 6 9.70 31.36 -2.06
N SER B 7 10.68 31.51 -1.15
CA SER B 7 11.68 32.55 -1.28
C SER B 7 12.95 32.09 -0.56
N PRO B 8 14.11 32.07 -1.22
CA PRO B 8 14.29 32.40 -2.64
C PRO B 8 13.93 31.25 -3.58
N SER B 9 13.83 31.54 -4.88
CA SER B 9 13.57 30.53 -5.88
C SER B 9 14.82 29.74 -6.28
N SER B 10 16.00 30.19 -5.86
CA SER B 10 17.23 29.47 -6.12
C SER B 10 18.22 29.80 -5.01
N LEU B 11 19.01 28.81 -4.62
CA LEU B 11 19.96 28.96 -3.52
C LEU B 11 21.18 28.09 -3.79
N SER B 12 22.35 28.62 -3.41
CA SER B 12 23.60 27.89 -3.52
C SER B 12 24.24 27.79 -2.14
N ALA B 13 24.75 26.60 -1.82
CA ALA B 13 25.39 26.39 -0.52
C ALA B 13 26.39 25.26 -0.63
N SER B 14 27.36 25.27 0.27
CA SER B 14 28.40 24.24 0.32
C SER B 14 28.00 23.13 1.29
N VAL B 15 28.66 21.98 1.15
CA VAL B 15 28.40 20.83 2.00
C VAL B 15 28.84 21.19 3.42
N GLY B 16 27.92 21.07 4.38
CA GLY B 16 28.19 21.39 5.77
C GLY B 16 27.59 22.69 6.25
N ASP B 17 27.02 23.51 5.36
CA ASP B 17 26.44 24.78 5.76
C ASP B 17 25.05 24.57 6.36
N ARG B 18 24.35 25.68 6.58
CA ARG B 18 22.97 25.66 7.05
C ARG B 18 22.08 26.28 5.98
N VAL B 19 21.08 25.53 5.53
CA VAL B 19 20.19 25.94 4.46
C VAL B 19 18.83 26.26 5.06
N THR B 20 18.30 27.45 4.75
CA THR B 20 17.00 27.89 5.21
C THR B 20 16.15 28.28 4.02
N ILE B 21 14.97 27.67 3.90
CA ILE B 21 14.04 27.95 2.81
C ILE B 21 12.70 28.33 3.42
N THR B 22 12.12 29.43 2.94
CA THR B 22 10.88 29.98 3.47
C THR B 22 9.78 29.85 2.43
N CYS B 23 8.58 29.49 2.90
CA CYS B 23 7.38 29.45 2.08
C CYS B 23 6.27 30.23 2.77
N LYS B 24 5.44 30.90 1.96
CA LYS B 24 4.42 31.79 2.49
C LYS B 24 3.13 31.58 1.72
N ALA B 25 2.00 31.62 2.41
CA ALA B 25 0.70 31.45 1.81
C ALA B 25 -0.10 32.76 1.86
N SER B 26 -1.20 32.78 1.12
CA SER B 26 -2.09 33.92 1.07
C SER B 26 -3.34 33.73 1.94
N GLN B 27 -3.35 32.69 2.78
CA GLN B 27 -4.50 32.40 3.62
C GLN B 27 -4.03 31.58 4.81
N ASP B 28 -4.88 31.47 5.83
CA ASP B 28 -4.52 30.79 7.07
C ASP B 28 -4.46 29.29 6.82
N VAL B 29 -3.25 28.75 6.72
CA VAL B 29 -3.01 27.33 6.47
C VAL B 29 -2.16 26.77 7.60
N SER B 30 -2.39 27.26 8.82
CA SER B 30 -1.47 27.19 9.95
C SER B 30 -0.66 25.90 10.06
N ILE B 31 -1.31 24.74 10.05
CA ILE B 31 -0.58 23.49 10.24
C ILE B 31 -0.91 22.51 9.12
N GLY B 32 -1.54 22.99 8.06
CA GLY B 32 -1.83 22.15 6.93
C GLY B 32 -0.82 22.27 5.81
N VAL B 33 0.47 22.26 6.14
CA VAL B 33 1.54 22.48 5.19
C VAL B 33 2.55 21.33 5.26
N ALA B 34 2.89 20.79 4.09
CA ALA B 34 3.87 19.72 3.96
C ALA B 34 5.09 20.21 3.20
N TRP B 35 6.04 19.30 2.97
CA TRP B 35 7.25 19.60 2.22
C TRP B 35 7.66 18.36 1.44
N TYR B 36 8.36 18.56 0.33
CA TYR B 36 8.73 17.48 -0.58
C TYR B 36 10.16 17.68 -1.07
N GLN B 37 10.61 16.77 -1.93
CA GLN B 37 11.96 16.83 -2.50
C GLN B 37 11.93 16.13 -3.85
N GLN B 38 12.48 16.77 -4.88
CA GLN B 38 12.55 16.18 -6.22
C GLN B 38 13.94 16.37 -6.81
N LYS B 39 14.66 15.27 -6.98
CA LYS B 39 15.89 15.29 -7.76
C LYS B 39 15.53 15.39 -9.24
N PRO B 40 16.46 15.87 -10.07
CA PRO B 40 16.17 15.97 -11.52
C PRO B 40 15.87 14.61 -12.13
N GLY B 41 14.64 14.46 -12.64
CA GLY B 41 14.25 13.29 -13.38
C GLY B 41 13.57 12.19 -12.59
N LYS B 42 13.61 12.22 -11.26
CA LYS B 42 12.94 11.22 -10.47
C LYS B 42 11.75 11.83 -9.73
N ALA B 43 10.88 10.95 -9.22
CA ALA B 43 9.62 11.37 -8.64
C ALA B 43 9.80 11.93 -7.23
N PRO B 44 8.91 12.83 -6.81
CA PRO B 44 9.07 13.47 -5.49
C PRO B 44 8.86 12.49 -4.34
N LYS B 45 9.40 12.89 -3.18
CA LYS B 45 9.30 12.09 -1.96
C LYS B 45 8.93 13.00 -0.80
N LEU B 46 8.09 12.49 0.10
CA LEU B 46 7.66 13.26 1.26
C LEU B 46 8.81 13.43 2.25
N LEU B 47 8.90 14.63 2.83
CA LEU B 47 9.88 14.91 3.87
C LEU B 47 9.23 15.33 5.18
N ILE B 48 8.33 16.30 5.13
CA ILE B 48 7.73 16.89 6.33
C ILE B 48 6.21 16.91 6.15
N TYR B 49 5.48 16.58 7.21
CA TYR B 49 4.04 16.72 7.24
C TYR B 49 3.63 17.48 8.50
N SER B 50 2.50 18.18 8.41
CA SER B 50 2.02 19.07 9.48
C SER B 50 3.03 20.16 9.80
N ALA B 51 3.95 20.41 8.86
CA ALA B 51 4.90 21.51 8.90
C ALA B 51 5.94 21.38 10.02
N SER B 52 5.80 20.36 10.87
CA SER B 52 6.77 20.18 11.93
C SER B 52 7.13 18.72 12.22
N TYR B 53 6.60 17.76 11.47
CA TYR B 53 6.83 16.34 11.74
C TYR B 53 7.43 15.66 10.51
N ARG B 54 8.51 14.93 10.72
CA ARG B 54 9.14 14.18 9.65
C ARG B 54 8.36 12.91 9.34
N TYR B 55 8.51 12.43 8.10
CA TYR B 55 7.91 11.17 7.67
C TYR B 55 8.84 10.01 8.03
N THR B 56 8.23 8.83 8.18
CA THR B 56 8.99 7.64 8.50
C THR B 56 9.95 7.29 7.36
N GLY B 57 11.20 7.02 7.69
CA GLY B 57 12.21 6.77 6.68
C GLY B 57 12.89 8.01 6.16
N VAL B 58 12.98 9.07 6.97
CA VAL B 58 13.58 10.33 6.55
C VAL B 58 14.67 10.69 7.55
N PRO B 59 15.84 11.13 7.09
CA PRO B 59 16.93 11.47 8.02
C PRO B 59 16.55 12.59 8.96
N SER B 60 17.34 12.73 10.02
CA SER B 60 17.07 13.69 11.08
C SER B 60 17.60 15.09 10.77
N ARG B 61 18.21 15.29 9.60
CA ARG B 61 18.68 16.62 9.20
C ARG B 61 17.59 17.40 8.49
N PHE B 62 16.40 17.49 9.09
CA PHE B 62 15.27 18.22 8.54
C PHE B 62 14.38 18.64 9.69
N SER B 63 14.05 19.93 9.76
CA SER B 63 13.26 20.45 10.86
C SER B 63 12.37 21.57 10.34
N GLY B 64 11.12 21.24 10.01
CA GLY B 64 10.15 22.26 9.67
C GLY B 64 9.68 23.01 10.90
N SER B 65 9.07 24.17 10.65
CA SER B 65 8.57 25.02 11.72
C SER B 65 7.61 26.04 11.13
N GLY B 66 7.14 26.96 11.98
CA GLY B 66 6.27 28.03 11.53
C GLY B 66 4.81 27.65 11.48
N SER B 67 3.94 28.55 11.94
CA SER B 67 2.51 28.34 11.92
C SER B 67 1.83 29.62 11.45
N GLY B 68 0.62 29.47 10.92
CA GLY B 68 -0.12 30.59 10.39
C GLY B 68 0.13 30.84 8.93
N THR B 69 1.00 31.81 8.63
CA THR B 69 1.35 32.13 7.25
C THR B 69 2.83 32.00 6.94
N ASP B 70 3.70 31.88 7.93
CA ASP B 70 5.13 31.73 7.71
C ASP B 70 5.56 30.30 8.01
N PHE B 71 6.36 29.74 7.11
CA PHE B 71 6.85 28.38 7.24
C PHE B 71 8.32 28.34 6.83
N THR B 72 9.03 27.31 7.27
CA THR B 72 10.47 27.24 7.07
C THR B 72 10.93 25.80 7.10
N LEU B 73 11.73 25.42 6.11
CA LEU B 73 12.39 24.11 6.07
C LEU B 73 13.89 24.31 6.18
N THR B 74 14.50 23.64 7.16
CA THR B 74 15.90 23.87 7.50
C THR B 74 16.65 22.55 7.52
N ILE B 75 17.88 22.56 6.99
CA ILE B 75 18.79 21.42 7.06
C ILE B 75 19.99 21.83 7.89
N SER B 76 20.26 21.08 8.96
CA SER B 76 21.37 21.43 9.85
C SER B 76 22.72 21.17 9.20
N SER B 77 22.87 20.02 8.53
CA SER B 77 24.12 19.65 7.88
C SER B 77 23.83 19.11 6.49
N LEU B 78 24.54 19.61 5.49
CA LEU B 78 24.35 19.20 4.10
C LEU B 78 25.20 17.98 3.79
N GLN B 79 24.67 17.11 2.92
CA GLN B 79 25.35 15.93 2.43
C GLN B 79 25.27 15.88 0.91
N PRO B 80 26.25 15.28 0.25
CA PRO B 80 26.19 15.23 -1.22
C PRO B 80 25.09 14.31 -1.75
N GLU B 81 23.88 14.46 -1.20
CA GLU B 81 22.74 13.71 -1.71
C GLU B 81 21.45 14.53 -1.72
N ASP B 82 21.39 15.65 -1.01
CA ASP B 82 20.18 16.44 -0.90
C ASP B 82 20.19 17.70 -1.76
N PHE B 83 20.93 17.71 -2.86
CA PHE B 83 20.93 18.84 -3.79
C PHE B 83 19.80 18.62 -4.80
N ALA B 84 18.65 19.21 -4.53
CA ALA B 84 17.47 19.00 -5.36
C ALA B 84 16.52 20.19 -5.17
N THR B 85 15.29 20.04 -5.64
CA THR B 85 14.28 21.08 -5.54
C THR B 85 13.32 20.75 -4.40
N TYR B 86 13.05 21.75 -3.55
CA TYR B 86 12.21 21.59 -2.37
C TYR B 86 10.91 22.34 -2.59
N TYR B 87 9.79 21.63 -2.52
CA TYR B 87 8.47 22.23 -2.71
C TYR B 87 7.75 22.35 -1.37
N CYS B 88 6.89 23.37 -1.28
CA CYS B 88 5.94 23.53 -0.19
C CYS B 88 4.53 23.36 -0.72
N GLN B 89 3.63 22.95 0.16
CA GLN B 89 2.26 22.64 -0.24
C GLN B 89 1.32 22.91 0.92
N GLN B 90 0.08 23.25 0.61
CA GLN B 90 -0.97 23.44 1.60
C GLN B 90 -2.13 22.51 1.32
N TYR B 91 -2.63 21.86 2.37
CA TYR B 91 -3.81 21.02 2.26
C TYR B 91 -4.90 21.43 3.24
N TYR B 92 -4.78 22.61 3.85
CA TYR B 92 -5.72 23.01 4.88
C TYR B 92 -7.13 23.21 4.31
N ILE B 93 -7.24 23.86 3.15
CA ILE B 93 -8.53 24.04 2.51
C ILE B 93 -8.39 23.75 1.01
N TYR B 94 -9.49 23.34 0.41
CA TYR B 94 -9.56 23.20 -1.04
C TYR B 94 -9.43 24.56 -1.70
N PRO B 95 -8.69 24.68 -2.81
CA PRO B 95 -7.91 23.61 -3.46
C PRO B 95 -6.52 23.44 -2.85
N TYR B 96 -5.86 22.34 -3.18
CA TYR B 96 -4.54 22.02 -2.67
C TYR B 96 -3.49 22.36 -3.72
N THR B 97 -2.66 23.36 -3.44
CA THR B 97 -1.75 23.93 -4.43
C THR B 97 -0.32 23.83 -3.91
N PHE B 98 0.59 23.39 -4.78
CA PHE B 98 2.00 23.33 -4.46
C PHE B 98 2.65 24.69 -4.68
N GLY B 99 3.92 24.79 -4.27
CA GLY B 99 4.71 25.97 -4.53
C GLY B 99 5.32 25.95 -5.92
N GLN B 100 6.19 26.92 -6.18
CA GLN B 100 6.87 27.01 -7.46
C GLN B 100 8.22 26.31 -7.48
N GLY B 101 8.77 25.99 -6.32
CA GLY B 101 10.02 25.26 -6.24
C GLY B 101 11.17 26.13 -5.77
N THR B 102 12.12 25.49 -5.10
CA THR B 102 13.35 26.13 -4.65
C THR B 102 14.52 25.23 -4.97
N LYS B 103 15.44 25.71 -5.81
CA LYS B 103 16.57 24.91 -6.26
C LYS B 103 17.77 25.17 -5.37
N VAL B 104 18.27 24.11 -4.73
CA VAL B 104 19.47 24.18 -3.90
C VAL B 104 20.59 23.44 -4.60
N GLU B 105 21.71 24.15 -4.84
CA GLU B 105 22.81 23.59 -5.60
C GLU B 105 24.13 23.94 -4.91
N ILE B 106 25.16 23.17 -5.24
CA ILE B 106 26.48 23.31 -4.63
C ILE B 106 27.08 24.65 -5.03
N LYS B 107 27.84 25.25 -4.11
CA LYS B 107 28.55 26.51 -4.33
C LYS B 107 30.04 26.26 -4.57
N ARG B 108 30.63 27.09 -5.43
CA ARG B 108 32.07 27.17 -5.57
C ARG B 108 32.43 28.60 -5.97
N THR B 109 33.66 28.79 -6.45
CA THR B 109 34.11 30.11 -6.82
C THR B 109 33.65 30.48 -8.23
N VAL B 110 33.85 31.75 -8.56
CA VAL B 110 33.43 32.28 -9.86
C VAL B 110 34.37 31.77 -10.96
N ALA B 111 33.80 31.33 -12.06
CA ALA B 111 34.54 30.86 -13.24
C ALA B 111 34.05 31.61 -14.46
N ALA B 112 34.98 32.06 -15.30
CA ALA B 112 34.69 32.83 -16.51
C ALA B 112 34.45 31.90 -17.70
N PRO B 113 33.47 32.21 -18.54
CA PRO B 113 33.21 31.37 -19.71
C PRO B 113 34.22 31.61 -20.83
N SER B 114 34.22 30.67 -21.78
CA SER B 114 34.99 30.80 -23.02
C SER B 114 33.99 31.08 -24.14
N VAL B 115 33.90 32.34 -24.54
CA VAL B 115 32.92 32.76 -25.53
C VAL B 115 33.38 32.31 -26.91
N PHE B 116 32.43 31.90 -27.75
CA PHE B 116 32.69 31.43 -29.09
C PHE B 116 31.61 31.95 -30.04
N ILE B 117 31.95 31.97 -31.32
CA ILE B 117 31.02 32.34 -32.38
C ILE B 117 31.19 31.36 -33.53
N PHE B 118 30.07 30.92 -34.10
CA PHE B 118 30.14 29.92 -35.17
C PHE B 118 29.44 30.42 -36.43
N PRO B 119 30.19 30.67 -37.49
CA PRO B 119 29.58 30.94 -38.79
C PRO B 119 28.60 29.84 -39.18
N PRO B 120 27.46 30.21 -39.75
CA PRO B 120 26.51 29.18 -40.21
C PRO B 120 27.09 28.37 -41.37
N SER B 121 26.67 27.12 -41.47
CA SER B 121 27.18 26.21 -42.48
C SER B 121 26.69 26.64 -43.87
N ASP B 122 27.18 25.95 -44.90
CA ASP B 122 26.82 26.28 -46.27
C ASP B 122 25.61 25.49 -46.78
N GLU B 123 25.36 24.31 -46.22
CA GLU B 123 24.23 23.51 -46.67
C GLU B 123 22.89 24.13 -46.27
N GLN B 124 22.90 25.14 -45.41
CA GLN B 124 21.66 25.76 -44.93
C GLN B 124 21.34 27.08 -45.61
N LEU B 125 22.23 27.60 -46.47
CA LEU B 125 21.86 28.74 -47.30
C LEU B 125 20.72 28.37 -48.24
N LYS B 126 20.82 27.22 -48.88
CA LYS B 126 19.77 26.74 -49.78
C LYS B 126 18.52 26.29 -49.05
N SER B 127 18.60 26.01 -47.74
CA SER B 127 17.42 25.59 -47.01
C SER B 127 16.41 26.72 -46.88
N GLY B 128 16.88 27.93 -46.55
CA GLY B 128 16.00 29.07 -46.44
C GLY B 128 16.20 29.90 -45.19
N THR B 129 16.84 29.32 -44.17
CA THR B 129 17.04 29.98 -42.89
C THR B 129 18.51 29.98 -42.52
N ALA B 130 18.84 30.78 -41.50
CA ALA B 130 20.21 30.87 -40.99
C ALA B 130 20.20 30.78 -39.48
N SER B 131 21.31 30.29 -38.92
CA SER B 131 21.43 30.09 -37.48
C SER B 131 22.87 30.37 -37.07
N VAL B 132 23.05 31.23 -36.08
CA VAL B 132 24.37 31.57 -35.54
C VAL B 132 24.37 31.26 -34.04
N VAL B 133 25.48 30.71 -33.56
CA VAL B 133 25.60 30.22 -32.19
C VAL B 133 26.57 31.10 -31.43
N CYS B 134 26.27 31.36 -30.16
CA CYS B 134 27.08 32.21 -29.29
C CYS B 134 27.59 31.41 -28.10
N LEU B 135 28.17 30.25 -28.38
CA LEU B 135 28.53 29.25 -27.37
C LEU B 135 29.30 29.86 -26.21
N LEU B 136 28.80 29.61 -25.00
CA LEU B 136 29.56 29.77 -23.77
C LEU B 136 29.96 28.39 -23.25
N ASN B 137 30.94 28.37 -22.34
CA ASN B 137 31.42 27.11 -21.81
C ASN B 137 32.16 27.35 -20.50
N ASN B 138 31.83 26.53 -19.50
CA ASN B 138 32.52 26.50 -18.22
C ASN B 138 32.49 27.86 -17.53
N PHE B 139 31.28 28.26 -17.12
CA PHE B 139 31.09 29.49 -16.37
C PHE B 139 30.26 29.21 -15.12
N TYR B 140 30.36 30.14 -14.17
CA TYR B 140 29.63 30.07 -12.90
C TYR B 140 29.68 31.47 -12.30
N PRO B 141 28.57 31.99 -11.75
CA PRO B 141 27.25 31.36 -11.59
C PRO B 141 26.45 31.26 -12.90
N ARG B 142 25.22 30.77 -12.78
CA ARG B 142 24.36 30.55 -13.93
C ARG B 142 23.93 31.84 -14.61
N GLU B 143 23.83 32.95 -13.89
CA GLU B 143 23.32 34.20 -14.44
C GLU B 143 24.28 34.69 -15.51
N ALA B 144 23.73 34.99 -16.69
CA ALA B 144 24.50 35.49 -17.82
C ALA B 144 23.54 35.99 -18.87
N LYS B 145 23.73 37.23 -19.33
CA LYS B 145 22.88 37.82 -20.35
C LYS B 145 23.63 37.80 -21.69
N VAL B 146 22.95 37.33 -22.74
CA VAL B 146 23.53 37.24 -24.07
C VAL B 146 22.56 37.89 -25.05
N GLN B 147 23.04 38.90 -25.77
CA GLN B 147 22.23 39.57 -26.79
C GLN B 147 23.03 39.72 -28.07
N TRP B 148 22.33 39.69 -29.19
CA TRP B 148 22.93 39.79 -30.51
C TRP B 148 22.87 41.22 -31.03
N LYS B 149 23.39 41.41 -32.24
CA LYS B 149 23.33 42.71 -32.89
C LYS B 149 23.51 42.52 -34.39
N VAL B 150 22.74 43.29 -35.18
CA VAL B 150 22.90 43.23 -36.64
C VAL B 150 23.46 44.57 -37.14
N ASP B 151 24.79 44.68 -37.08
CA ASP B 151 25.62 45.78 -37.55
C ASP B 151 25.46 47.08 -36.76
N ASN B 152 24.32 47.27 -36.09
CA ASN B 152 24.19 48.39 -35.16
C ASN B 152 23.25 48.12 -34.00
N ALA B 153 22.35 47.15 -34.15
CA ALA B 153 21.13 47.09 -33.35
C ALA B 153 20.92 45.70 -32.76
N LEU B 154 20.62 45.66 -31.47
CA LEU B 154 20.30 44.40 -30.81
C LEU B 154 18.98 43.84 -31.35
N GLN B 155 18.87 42.52 -31.34
CA GLN B 155 17.67 41.82 -31.78
C GLN B 155 16.84 41.39 -30.57
N SER B 156 15.59 41.02 -30.84
CA SER B 156 14.69 40.55 -29.81
C SER B 156 13.63 39.66 -30.45
N GLY B 157 13.15 38.68 -29.68
CA GLY B 157 12.15 37.78 -30.18
C GLY B 157 12.65 36.77 -31.19
N ASN B 158 13.97 36.63 -31.34
CA ASN B 158 14.52 35.68 -32.30
C ASN B 158 15.72 34.93 -31.74
N SER B 159 15.91 34.89 -30.42
CA SER B 159 17.06 34.23 -29.81
C SER B 159 16.56 33.33 -28.69
N GLN B 160 16.74 32.02 -28.86
CA GLN B 160 16.35 31.04 -27.85
C GLN B 160 17.60 30.48 -27.17
N GLU B 161 17.57 30.45 -25.84
CA GLU B 161 18.72 30.02 -25.05
C GLU B 161 18.53 28.59 -24.56
N SER B 162 19.63 28.00 -24.10
CA SER B 162 19.61 26.64 -23.59
C SER B 162 20.82 26.45 -22.70
N VAL B 163 20.59 26.04 -21.45
CA VAL B 163 21.65 25.81 -20.47
C VAL B 163 21.55 24.38 -19.97
N THR B 164 22.67 23.67 -19.99
CA THR B 164 22.70 22.28 -19.56
C THR B 164 22.49 22.18 -18.04
N GLU B 165 22.38 20.94 -17.57
CA GLU B 165 22.31 20.68 -16.15
C GLU B 165 23.68 20.89 -15.52
N GLN B 166 23.78 20.72 -14.20
CA GLN B 166 25.03 20.93 -13.50
C GLN B 166 26.02 19.81 -13.85
N ASP B 167 27.31 20.09 -13.67
CA ASP B 167 28.37 19.12 -13.94
C ASP B 167 28.86 18.51 -12.63
N SER B 168 29.12 17.21 -12.66
CA SER B 168 29.60 16.48 -11.50
C SER B 168 31.12 16.43 -11.41
N LYS B 169 31.83 17.08 -12.34
CA LYS B 169 33.29 17.08 -12.31
C LYS B 169 33.87 18.45 -12.01
N ASP B 170 33.31 19.53 -12.58
CA ASP B 170 33.81 20.87 -12.33
C ASP B 170 32.72 21.85 -11.93
N SER B 171 31.45 21.45 -11.94
CA SER B 171 30.32 22.26 -11.48
C SER B 171 30.29 23.62 -12.18
N THR B 172 30.27 23.57 -13.51
CA THR B 172 30.11 24.74 -14.35
C THR B 172 28.97 24.52 -15.34
N TYR B 173 28.40 25.63 -15.82
CA TYR B 173 27.30 25.62 -16.77
C TYR B 173 27.81 25.89 -18.19
N SER B 174 26.96 25.61 -19.16
CA SER B 174 27.20 25.92 -20.55
C SER B 174 25.96 26.59 -21.15
N LEU B 175 26.16 27.66 -21.90
CA LEU B 175 25.06 28.41 -22.50
C LEU B 175 25.26 28.48 -24.01
N SER B 176 24.16 28.35 -24.75
CA SER B 176 24.18 28.38 -26.21
C SER B 176 22.98 29.19 -26.68
N SER B 177 23.24 30.40 -27.16
CA SER B 177 22.21 31.28 -27.71
C SER B 177 22.16 31.08 -29.22
N THR B 178 20.99 30.73 -29.74
CA THR B 178 20.82 30.39 -31.15
C THR B 178 19.98 31.46 -31.82
N LEU B 179 20.62 32.34 -32.58
CA LEU B 179 19.90 33.30 -33.41
C LEU B 179 19.28 32.57 -34.59
N THR B 180 18.09 33.01 -35.00
CA THR B 180 17.34 32.36 -36.07
C THR B 180 16.71 33.43 -36.95
N LEU B 181 17.24 33.60 -38.16
CA LEU B 181 16.67 34.46 -39.18
C LEU B 181 16.85 33.82 -40.54
N SER B 182 15.99 34.20 -41.48
CA SER B 182 15.92 33.55 -42.78
C SER B 182 17.15 33.88 -43.62
N LYS B 183 17.38 33.03 -44.64
CA LYS B 183 18.51 33.24 -45.54
C LYS B 183 18.40 34.55 -46.30
N ALA B 184 17.19 34.92 -46.75
CA ALA B 184 17.00 36.20 -47.41
C ALA B 184 17.35 37.35 -46.47
N ASP B 185 16.98 37.25 -45.20
CA ASP B 185 17.38 38.21 -44.19
C ASP B 185 18.86 38.10 -43.84
N TYR B 186 19.52 37.02 -44.23
CA TYR B 186 20.93 36.82 -43.88
C TYR B 186 21.86 37.52 -44.86
N GLU B 187 21.59 37.39 -46.16
CA GLU B 187 22.48 37.96 -47.18
C GLU B 187 22.17 39.42 -47.46
N LYS B 188 22.10 40.23 -46.40
CA LYS B 188 21.96 41.67 -46.58
C LYS B 188 22.70 42.46 -45.52
N HIS B 189 23.45 41.82 -44.62
CA HIS B 189 24.27 42.51 -43.64
C HIS B 189 25.63 41.81 -43.56
N LYS B 190 26.58 42.48 -42.92
CA LYS B 190 27.99 42.12 -43.01
C LYS B 190 28.56 41.62 -41.70
N VAL B 191 28.27 42.28 -40.57
CA VAL B 191 28.79 41.88 -39.27
C VAL B 191 27.62 41.33 -38.46
N TYR B 192 27.76 40.09 -37.99
CA TYR B 192 26.88 39.53 -36.97
C TYR B 192 27.68 39.28 -35.70
N ALA B 193 27.21 39.85 -34.59
CA ALA B 193 27.93 39.72 -33.32
C ALA B 193 26.94 39.45 -32.21
N CYS B 194 27.43 38.78 -31.16
CA CYS B 194 26.66 38.51 -29.95
C CYS B 194 27.45 39.02 -28.76
N GLU B 195 26.75 39.64 -27.82
CA GLU B 195 27.37 40.27 -26.66
C GLU B 195 27.17 39.43 -25.42
N VAL B 196 28.23 39.22 -24.66
CA VAL B 196 28.20 38.36 -23.47
C VAL B 196 28.65 39.20 -22.28
N THR B 197 27.81 39.23 -21.24
CA THR B 197 28.12 39.94 -20.00
C THR B 197 28.02 38.97 -18.83
N HIS B 198 29.04 38.97 -17.97
CA HIS B 198 29.07 38.06 -16.84
C HIS B 198 29.68 38.79 -15.65
N GLN B 199 29.34 38.31 -14.44
CA GLN B 199 29.88 38.90 -13.23
C GLN B 199 31.40 38.76 -13.16
N GLY B 200 31.93 37.60 -13.57
CA GLY B 200 33.35 37.36 -13.52
C GLY B 200 34.17 38.05 -14.58
N LEU B 201 33.52 38.70 -15.54
CA LEU B 201 34.23 39.41 -16.61
C LEU B 201 34.27 40.90 -16.30
N SER B 202 35.48 41.45 -16.23
CA SER B 202 35.62 42.89 -16.03
C SER B 202 35.31 43.67 -17.30
N SER B 203 35.51 43.04 -18.46
CA SER B 203 35.25 43.67 -19.75
C SER B 203 34.22 42.86 -20.51
N PRO B 204 33.21 43.51 -21.10
CA PRO B 204 32.19 42.76 -21.86
C PRO B 204 32.70 42.30 -23.22
N VAL B 205 33.38 41.16 -23.24
CA VAL B 205 33.97 40.65 -24.48
C VAL B 205 32.89 40.39 -25.53
N THR B 206 33.25 40.62 -26.80
CA THR B 206 32.34 40.46 -27.92
C THR B 206 33.01 39.63 -29.00
N LYS B 207 32.27 38.69 -29.59
CA LYS B 207 32.79 37.82 -30.65
C LYS B 207 32.16 38.24 -31.98
N SER B 208 32.87 39.08 -32.72
CA SER B 208 32.38 39.54 -34.01
C SER B 208 32.54 38.45 -35.06
N PHE B 209 31.52 38.29 -35.90
CA PHE B 209 31.55 37.35 -37.02
C PHE B 209 31.26 38.10 -38.31
N ASN B 210 32.03 37.80 -39.35
CA ASN B 210 31.93 38.51 -40.62
C ASN B 210 31.23 37.66 -41.67
N ARG B 211 30.24 38.25 -42.34
CA ARG B 211 29.52 37.60 -43.42
C ARG B 211 30.35 37.52 -44.71
N GLY B 212 31.53 38.12 -44.74
CA GLY B 212 32.34 38.16 -45.93
C GLY B 212 33.35 37.03 -45.98
N GLU B 213 34.62 37.34 -45.69
CA GLU B 213 35.66 36.32 -45.70
C GLU B 213 35.38 35.25 -44.64
N CYS B 214 34.99 34.07 -45.09
CA CYS B 214 34.63 32.99 -44.18
C CYS B 214 34.74 31.63 -44.88
N GLU C 1 6.90 -4.12 -0.21
CA GLU C 1 7.19 -2.71 -0.45
C GLU C 1 6.15 -2.10 -1.40
N VAL C 2 5.74 -0.88 -1.10
CA VAL C 2 4.77 -0.18 -1.95
C VAL C 2 5.48 0.36 -3.18
N GLN C 3 4.94 0.04 -4.36
CA GLN C 3 5.49 0.55 -5.61
C GLN C 3 4.35 0.75 -6.60
N LEU C 4 4.37 1.88 -7.30
CA LEU C 4 3.35 2.24 -8.26
C LEU C 4 3.98 2.48 -9.63
N VAL C 5 3.33 1.94 -10.67
CA VAL C 5 3.81 2.07 -12.04
C VAL C 5 2.68 2.65 -12.88
N GLU C 6 2.97 3.73 -13.59
CA GLU C 6 1.99 4.35 -14.48
C GLU C 6 2.15 3.81 -15.90
N SER C 7 1.17 4.12 -16.74
CA SER C 7 1.17 3.72 -18.14
C SER C 7 0.24 4.65 -18.90
N GLY C 8 0.04 4.38 -20.19
CA GLY C 8 -0.85 5.16 -21.02
C GLY C 8 -0.25 6.44 -21.60
N GLY C 9 0.98 6.77 -21.25
CA GLY C 9 1.60 7.96 -21.80
C GLY C 9 1.90 7.83 -23.27
N GLY C 10 1.90 8.98 -23.94
CA GLY C 10 2.17 9.01 -25.37
C GLY C 10 2.06 10.38 -25.98
N LEU C 11 1.81 10.44 -27.29
CA LEU C 11 1.69 11.69 -28.02
C LEU C 11 0.38 11.69 -28.79
N VAL C 12 -0.42 12.73 -28.61
CA VAL C 12 -1.72 12.85 -29.26
C VAL C 12 -1.89 14.26 -29.79
N GLN C 13 -2.80 14.41 -30.75
CA GLN C 13 -3.14 15.72 -31.30
C GLN C 13 -3.98 16.51 -30.30
N PRO C 14 -4.00 17.84 -30.42
CA PRO C 14 -4.89 18.64 -29.55
C PRO C 14 -6.34 18.25 -29.75
N GLY C 15 -7.03 17.99 -28.65
CA GLY C 15 -8.39 17.51 -28.70
C GLY C 15 -8.49 16.00 -28.57
N GLY C 16 -7.34 15.32 -28.72
CA GLY C 16 -7.34 13.88 -28.62
C GLY C 16 -7.55 13.42 -27.19
N SER C 17 -7.84 12.14 -27.03
CA SER C 17 -8.14 11.55 -25.72
C SER C 17 -7.12 10.48 -25.36
N LEU C 18 -6.79 10.42 -24.07
CA LEU C 18 -5.92 9.39 -23.54
C LEU C 18 -6.48 8.82 -22.24
N ARG C 19 -5.91 7.71 -21.77
CA ARG C 19 -6.36 7.11 -20.51
C ARG C 19 -5.13 6.54 -19.79
N LEU C 20 -4.71 7.24 -18.74
CA LEU C 20 -3.57 6.80 -17.94
C LEU C 20 -4.02 5.81 -16.88
N SER C 21 -3.18 4.79 -16.65
CA SER C 21 -3.42 3.79 -15.62
C SER C 21 -2.32 3.85 -14.58
N CYS C 22 -2.63 3.42 -13.36
CA CYS C 22 -1.66 3.44 -12.27
C CYS C 22 -1.97 2.23 -11.37
N ALA C 23 -1.24 1.14 -11.60
CA ALA C 23 -1.41 -0.07 -10.82
C ALA C 23 -0.67 0.05 -9.49
N ALA C 24 -1.31 -0.42 -8.42
CA ALA C 24 -0.76 -0.36 -7.08
C ALA C 24 -0.45 -1.77 -6.57
N SER C 25 0.48 -1.84 -5.63
CA SER C 25 0.89 -3.10 -5.04
C SER C 25 1.67 -2.81 -3.77
N GLY C 26 1.74 -3.83 -2.90
CA GLY C 26 2.45 -3.72 -1.65
C GLY C 26 1.66 -3.18 -0.48
N PHE C 27 0.39 -2.82 -0.68
CA PHE C 27 -0.44 -2.30 0.39
C PHE C 27 -1.90 -2.61 0.08
N THR C 28 -2.74 -2.47 1.10
CA THR C 28 -4.18 -2.69 0.94
C THR C 28 -4.77 -1.57 0.10
N PHE C 29 -5.26 -1.92 -1.09
CA PHE C 29 -5.79 -0.93 -2.03
C PHE C 29 -6.98 -0.19 -1.46
N SER C 30 -7.97 -0.93 -0.96
CA SER C 30 -9.18 -0.32 -0.44
C SER C 30 -8.97 0.13 1.01
N ALA C 31 -7.91 0.90 1.25
CA ALA C 31 -7.66 1.47 2.56
C ALA C 31 -7.07 2.87 2.51
N TYR C 32 -6.62 3.33 1.34
CA TYR C 32 -5.99 4.63 1.19
C TYR C 32 -6.66 5.36 0.03
N THR C 33 -6.55 6.69 0.05
CA THR C 33 -7.12 7.52 -1.01
C THR C 33 -6.05 7.78 -2.07
N MET C 34 -6.41 7.52 -3.32
CA MET C 34 -5.47 7.54 -4.43
C MET C 34 -5.59 8.87 -5.18
N ASP C 35 -4.46 9.33 -5.70
CA ASP C 35 -4.39 10.67 -6.29
C ASP C 35 -3.59 10.71 -7.59
N TRP C 36 -3.76 11.80 -8.35
CA TRP C 36 -2.97 12.06 -9.56
C TRP C 36 -2.42 13.48 -9.46
N VAL C 37 -1.12 13.63 -9.68
CA VAL C 37 -0.47 14.93 -9.68
C VAL C 37 0.30 15.07 -10.99
N ARG C 38 0.45 16.32 -11.45
CA ARG C 38 1.16 16.59 -12.69
C ARG C 38 2.16 17.73 -12.48
N GLN C 39 3.21 17.73 -13.31
CA GLN C 39 4.24 18.75 -13.27
C GLN C 39 4.63 19.09 -14.71
N ALA C 40 4.40 20.34 -15.10
CA ALA C 40 4.78 20.79 -16.43
C ALA C 40 6.31 20.82 -16.55
N PRO C 41 6.85 20.63 -17.75
CA PRO C 41 8.31 20.66 -17.92
C PRO C 41 8.91 21.97 -17.46
N GLY C 42 9.84 21.90 -16.52
CA GLY C 42 10.47 23.08 -15.98
C GLY C 42 9.57 23.96 -15.15
N LYS C 43 8.48 23.41 -14.62
CA LYS C 43 7.51 24.19 -13.86
C LYS C 43 7.23 23.45 -12.55
N GLY C 44 6.35 23.97 -11.70
CA GLY C 44 6.05 23.36 -10.42
C GLY C 44 5.04 22.24 -10.53
N LEU C 45 4.51 21.85 -9.38
CA LEU C 45 3.59 20.73 -9.26
C LEU C 45 2.15 21.24 -9.14
N GLU C 46 1.22 20.44 -9.64
CA GLU C 46 -0.20 20.81 -9.66
C GLU C 46 -1.04 19.58 -9.39
N TRP C 47 -1.77 19.59 -8.28
CA TRP C 47 -2.66 18.48 -7.96
C TRP C 47 -3.80 18.44 -8.98
N VAL C 48 -4.15 17.25 -9.44
CA VAL C 48 -5.10 17.08 -10.54
C VAL C 48 -6.48 16.66 -10.03
N ALA C 49 -6.55 15.56 -9.28
CA ALA C 49 -7.84 15.00 -8.91
C ALA C 49 -7.68 14.12 -7.67
N ASP C 50 -8.73 13.37 -7.35
CA ASP C 50 -8.82 12.57 -6.14
C ASP C 50 -9.90 11.49 -6.27
N VAL C 51 -9.54 10.24 -6.04
CA VAL C 51 -10.49 9.14 -6.19
C VAL C 51 -10.51 8.31 -4.92
N ASN C 52 -11.66 7.68 -4.66
CA ASN C 52 -11.87 6.80 -3.52
C ASN C 52 -12.13 5.38 -4.00
N PRO C 53 -11.40 4.38 -3.49
CA PRO C 53 -11.55 3.02 -4.04
C PRO C 53 -12.87 2.37 -3.70
N ASN C 54 -13.45 2.68 -2.53
CA ASN C 54 -14.66 1.98 -2.10
C ASN C 54 -15.92 2.58 -2.71
N SER C 55 -16.10 3.89 -2.57
CA SER C 55 -17.32 4.54 -3.04
C SER C 55 -17.24 5.01 -4.49
N GLY C 56 -16.05 5.33 -4.97
CA GLY C 56 -15.89 5.87 -6.31
C GLY C 56 -16.08 7.38 -6.40
N GLY C 57 -16.40 8.04 -5.29
CA GLY C 57 -16.59 9.48 -5.30
C GLY C 57 -15.31 10.22 -5.60
N SER C 58 -15.25 10.85 -6.77
CA SER C 58 -14.04 11.51 -7.24
C SER C 58 -14.11 13.01 -6.95
N ILE C 59 -12.97 13.57 -6.54
CA ILE C 59 -12.83 14.99 -6.25
C ILE C 59 -11.88 15.58 -7.28
N TYR C 60 -12.38 16.45 -8.14
CA TYR C 60 -11.61 17.04 -9.22
C TYR C 60 -11.11 18.43 -8.83
N ASN C 61 -10.36 19.03 -9.74
CA ASN C 61 -9.96 20.43 -9.63
C ASN C 61 -10.87 21.28 -10.51
N GLN C 62 -11.08 22.53 -10.10
CA GLN C 62 -12.00 23.39 -10.83
C GLN C 62 -11.53 23.65 -12.25
N ARG C 63 -10.22 23.70 -12.47
CA ARG C 63 -9.68 23.87 -13.81
C ARG C 63 -9.69 22.58 -14.63
N PHE C 64 -9.98 21.44 -14.02
CA PHE C 64 -10.02 20.17 -14.71
C PHE C 64 -11.37 19.47 -14.67
N LYS C 65 -12.31 19.94 -13.86
CA LYS C 65 -13.61 19.28 -13.75
C LYS C 65 -14.36 19.41 -15.06
N GLY C 66 -14.90 18.28 -15.55
CA GLY C 66 -15.61 18.22 -16.80
C GLY C 66 -14.81 17.58 -17.93
N ARG C 67 -13.49 17.78 -17.93
CA ARG C 67 -12.62 17.21 -18.95
C ARG C 67 -12.06 15.85 -18.54
N PHE C 68 -11.65 15.71 -17.29
CA PHE C 68 -11.05 14.47 -16.80
C PHE C 68 -12.11 13.59 -16.13
N THR C 69 -11.78 12.31 -16.04
CA THR C 69 -12.71 11.32 -15.48
C THR C 69 -11.91 10.21 -14.81
N LEU C 70 -12.08 10.08 -13.49
CA LEU C 70 -11.38 9.06 -12.73
C LEU C 70 -12.20 7.78 -12.64
N SER C 71 -11.52 6.69 -12.32
CA SER C 71 -12.15 5.39 -12.13
C SER C 71 -11.28 4.54 -11.23
N VAL C 72 -11.86 3.47 -10.69
CA VAL C 72 -11.16 2.54 -9.81
C VAL C 72 -11.56 1.12 -10.18
N ASP C 73 -10.56 0.25 -10.28
CA ASP C 73 -10.77 -1.17 -10.54
C ASP C 73 -10.08 -1.95 -9.43
N ARG C 74 -10.83 -2.30 -8.39
CA ARG C 74 -10.27 -3.06 -7.28
C ARG C 74 -9.97 -4.50 -7.64
N SER C 75 -10.49 -5.00 -8.75
CA SER C 75 -10.17 -6.35 -9.20
C SER C 75 -8.72 -6.50 -9.62
N LYS C 76 -8.05 -5.41 -10.02
CA LYS C 76 -6.63 -5.50 -10.36
C LYS C 76 -5.81 -4.34 -9.82
N ASN C 77 -6.27 -3.66 -8.76
CA ASN C 77 -5.52 -2.60 -8.09
C ASN C 77 -5.10 -1.50 -9.06
N THR C 78 -5.97 -1.14 -10.00
CA THR C 78 -5.63 -0.22 -11.07
C THR C 78 -6.49 1.04 -11.00
N LEU C 79 -5.85 2.18 -11.23
CA LEU C 79 -6.54 3.46 -11.39
C LEU C 79 -6.71 3.78 -12.87
N TYR C 80 -7.72 4.60 -13.18
CA TYR C 80 -7.97 5.04 -14.54
C TYR C 80 -8.17 6.54 -14.53
N LEU C 81 -7.60 7.22 -15.52
CA LEU C 81 -7.71 8.67 -15.67
C LEU C 81 -8.02 8.97 -17.14
N GLN C 82 -9.28 9.29 -17.43
CA GLN C 82 -9.73 9.55 -18.79
C GLN C 82 -9.60 11.05 -19.08
N MET C 83 -8.72 11.40 -20.01
CA MET C 83 -8.49 12.78 -20.40
C MET C 83 -9.20 13.04 -21.73
N ASN C 84 -10.05 14.06 -21.76
CA ASN C 84 -10.80 14.43 -22.95
C ASN C 84 -10.57 15.90 -23.27
N SER C 85 -10.55 16.20 -24.58
CA SER C 85 -10.37 17.56 -25.09
C SER C 85 -9.07 18.17 -24.56
N LEU C 86 -7.97 17.51 -24.91
CA LEU C 86 -6.65 17.95 -24.47
C LEU C 86 -6.20 19.16 -25.28
N ARG C 87 -5.75 20.19 -24.57
CA ARG C 87 -5.22 21.39 -25.19
C ARG C 87 -3.69 21.37 -25.07
N ALA C 88 -3.05 22.42 -25.59
CA ALA C 88 -1.60 22.51 -25.62
C ALA C 88 -0.97 22.72 -24.25
N GLU C 89 -1.79 22.99 -23.23
CA GLU C 89 -1.30 23.16 -21.87
C GLU C 89 -1.21 21.85 -21.11
N ASP C 90 -1.69 20.75 -21.70
CA ASP C 90 -1.73 19.45 -21.04
C ASP C 90 -0.52 18.59 -21.35
N THR C 91 0.64 19.21 -21.59
CA THR C 91 1.89 18.50 -21.78
C THR C 91 2.68 18.57 -20.47
N ALA C 92 2.84 17.42 -19.81
CA ALA C 92 3.49 17.35 -18.52
C ALA C 92 3.74 15.88 -18.19
N VAL C 93 4.31 15.65 -17.01
CA VAL C 93 4.44 14.30 -16.46
C VAL C 93 3.38 14.12 -15.39
N TYR C 94 2.69 12.99 -15.42
CA TYR C 94 1.54 12.73 -14.55
C TYR C 94 1.94 11.72 -13.49
N TYR C 95 2.14 12.22 -12.27
CA TYR C 95 2.48 11.36 -11.15
C TYR C 95 1.24 10.61 -10.67
N CYS C 96 1.43 9.70 -9.72
CA CYS C 96 0.32 8.95 -9.13
C CYS C 96 0.69 8.66 -7.68
N ALA C 97 0.24 9.52 -6.78
CA ALA C 97 0.57 9.44 -5.37
C ALA C 97 -0.61 8.83 -4.61
N ARG C 98 -0.51 8.78 -3.28
CA ARG C 98 -1.58 8.23 -2.45
C ARG C 98 -1.65 9.01 -1.15
N ASN C 99 -2.84 9.03 -0.56
CA ASN C 99 -3.05 9.71 0.71
C ASN C 99 -2.74 8.78 1.86
N LEU C 100 -2.27 9.36 2.98
CA LEU C 100 -2.04 8.57 4.19
C LEU C 100 -3.36 8.39 4.93
N GLY C 101 -3.93 9.51 5.36
CA GLY C 101 -5.31 9.62 5.76
C GLY C 101 -5.91 10.66 4.85
N PRO C 102 -7.24 10.67 4.68
CA PRO C 102 -7.81 11.54 3.66
C PRO C 102 -7.64 13.03 3.96
N SER C 103 -6.42 13.41 4.32
CA SER C 103 -5.93 14.76 4.20
C SER C 103 -4.86 14.79 3.11
N PHE C 104 -4.89 15.85 2.29
CA PHE C 104 -4.25 15.80 0.98
C PHE C 104 -2.76 16.10 1.09
N TYR C 105 -2.01 15.08 1.52
CA TYR C 105 -0.56 15.06 1.40
C TYR C 105 -0.14 13.66 0.98
N PHE C 106 1.04 13.57 0.38
CA PHE C 106 1.46 12.37 -0.34
C PHE C 106 2.78 11.85 0.21
N ASP C 107 2.98 10.54 0.10
CA ASP C 107 4.23 9.92 0.54
C ASP C 107 4.88 9.03 -0.51
N TYR C 108 4.10 8.26 -1.25
CA TYR C 108 4.61 7.25 -2.17
C TYR C 108 4.12 7.59 -3.57
N TRP C 109 4.90 8.41 -4.27
CA TRP C 109 4.57 8.81 -5.63
C TRP C 109 4.91 7.71 -6.62
N GLY C 110 4.33 7.82 -7.82
CA GLY C 110 4.57 6.85 -8.87
C GLY C 110 5.88 7.06 -9.59
N GLN C 111 5.87 6.86 -10.91
CA GLN C 111 7.06 7.03 -11.74
C GLN C 111 7.05 8.28 -12.60
N GLY C 112 5.87 8.78 -12.97
CA GLY C 112 5.81 9.99 -13.77
C GLY C 112 5.76 9.79 -15.27
N THR C 113 4.80 9.00 -15.74
CA THR C 113 4.60 8.83 -17.17
C THR C 113 4.38 10.17 -17.85
N LEU C 114 4.85 10.28 -19.09
CA LEU C 114 4.88 11.54 -19.82
C LEU C 114 3.77 11.59 -20.84
N VAL C 115 3.02 12.69 -20.84
CA VAL C 115 1.98 12.97 -21.83
C VAL C 115 2.34 14.25 -22.56
N THR C 116 2.46 14.17 -23.87
CA THR C 116 2.79 15.33 -24.70
C THR C 116 1.76 15.47 -25.82
N VAL C 117 1.36 16.70 -26.09
CA VAL C 117 0.36 17.01 -27.12
C VAL C 117 0.95 18.04 -28.07
N SER C 118 0.86 17.76 -29.38
CA SER C 118 1.34 18.69 -30.40
C SER C 118 0.82 18.22 -31.75
N SER C 119 0.68 19.17 -32.67
CA SER C 119 0.23 18.86 -34.03
C SER C 119 1.37 18.55 -34.98
N ALA C 120 2.63 18.68 -34.54
CA ALA C 120 3.76 18.41 -35.41
C ALA C 120 3.86 16.92 -35.70
N SER C 121 4.22 16.59 -36.94
CA SER C 121 4.39 15.21 -37.35
C SER C 121 5.82 14.76 -37.07
N THR C 122 6.13 13.52 -37.42
CA THR C 122 7.47 12.98 -37.19
C THR C 122 8.40 13.37 -38.34
N LYS C 123 9.49 14.05 -38.00
CA LYS C 123 10.48 14.48 -39.00
C LYS C 123 11.86 14.14 -38.48
N GLY C 124 12.74 13.72 -39.39
CA GLY C 124 14.09 13.37 -39.04
C GLY C 124 14.95 14.59 -38.74
N PRO C 125 16.00 14.40 -37.95
CA PRO C 125 16.89 15.52 -37.63
C PRO C 125 17.88 15.78 -38.74
N SER C 126 17.93 17.04 -39.17
CA SER C 126 18.86 17.48 -40.21
C SER C 126 20.12 18.01 -39.53
N VAL C 127 21.18 17.21 -39.55
CA VAL C 127 22.41 17.53 -38.84
C VAL C 127 23.20 18.57 -39.64
N PHE C 128 23.59 19.64 -38.96
CA PHE C 128 24.29 20.77 -39.58
C PHE C 128 25.61 20.99 -38.85
N PRO C 129 26.75 20.81 -39.51
CA PRO C 129 28.04 20.98 -38.82
C PRO C 129 28.39 22.44 -38.60
N LEU C 130 28.99 22.72 -37.44
CA LEU C 130 29.56 24.03 -37.14
C LEU C 130 31.07 23.91 -37.22
N ALA C 131 31.63 24.30 -38.37
CA ALA C 131 33.08 24.25 -38.54
C ALA C 131 33.75 25.29 -37.64
N PRO C 132 34.86 24.93 -36.99
CA PRO C 132 35.58 25.90 -36.18
C PRO C 132 36.20 26.99 -37.05
N SER C 133 36.09 28.23 -36.59
CA SER C 133 36.63 29.36 -37.33
C SER C 133 38.15 29.42 -37.19
N SER C 134 38.76 30.25 -38.05
CA SER C 134 40.20 30.45 -37.99
C SER C 134 40.64 31.15 -36.72
N LYS C 135 39.74 31.89 -36.07
CA LYS C 135 40.02 32.59 -34.82
C LYS C 135 39.27 31.95 -33.66
N SER C 136 39.13 30.63 -33.68
CA SER C 136 38.44 29.88 -32.64
C SER C 136 39.38 29.38 -31.55
N THR C 137 40.64 29.82 -31.57
CA THR C 137 41.63 29.39 -30.58
C THR C 137 41.56 30.32 -29.38
N SER C 138 41.34 29.74 -28.20
CA SER C 138 41.27 30.49 -26.95
C SER C 138 42.60 30.50 -26.21
N GLY C 139 43.67 30.01 -26.84
CA GLY C 139 44.96 29.90 -26.19
C GLY C 139 45.54 28.51 -26.36
N GLY C 140 44.96 27.73 -27.26
CA GLY C 140 45.38 26.37 -27.49
C GLY C 140 44.22 25.40 -27.51
N THR C 141 43.00 25.92 -27.38
CA THR C 141 41.80 25.11 -27.35
C THR C 141 40.76 25.71 -28.30
N ALA C 142 40.10 24.84 -29.06
CA ALA C 142 39.06 25.24 -30.01
C ALA C 142 37.78 24.49 -29.68
N ALA C 143 36.73 24.78 -30.45
CA ALA C 143 35.43 24.14 -30.24
C ALA C 143 34.79 23.83 -31.57
N LEU C 144 33.94 22.80 -31.57
CA LEU C 144 33.23 22.38 -32.77
C LEU C 144 32.02 21.56 -32.35
N GLY C 145 31.07 21.44 -33.27
CA GLY C 145 29.87 20.67 -32.99
C GLY C 145 28.95 20.63 -34.18
N CYS C 146 27.88 19.86 -34.04
CA CYS C 146 26.84 19.69 -35.05
C CYS C 146 25.52 20.26 -34.53
N LEU C 147 24.58 20.46 -35.46
CA LEU C 147 23.29 21.07 -35.11
C LEU C 147 22.18 20.21 -35.69
N VAL C 148 21.41 19.55 -34.82
CA VAL C 148 20.16 18.92 -35.23
C VAL C 148 19.09 19.99 -35.32
N LYS C 149 18.24 19.89 -36.33
CA LYS C 149 17.22 20.90 -36.56
C LYS C 149 15.95 20.26 -37.10
N ASP C 150 14.81 20.72 -36.59
CA ASP C 150 13.49 20.31 -37.07
C ASP C 150 13.31 18.79 -36.99
N TYR C 151 13.35 18.28 -35.76
CA TYR C 151 13.10 16.87 -35.49
C TYR C 151 11.97 16.74 -34.49
N PHE C 152 11.21 15.65 -34.61
CA PHE C 152 10.06 15.44 -33.74
C PHE C 152 9.71 13.96 -33.77
N PRO C 153 9.43 13.34 -32.61
CA PRO C 153 9.47 13.96 -31.29
C PRO C 153 10.76 13.68 -30.51
N GLU C 154 10.78 14.09 -29.25
CA GLU C 154 11.92 13.83 -28.38
C GLU C 154 11.99 12.34 -28.05
N PRO C 155 13.20 11.83 -27.72
CA PRO C 155 14.49 12.51 -27.71
C PRO C 155 15.42 12.07 -28.84
N VAL C 156 16.60 12.67 -28.90
CA VAL C 156 17.64 12.29 -29.86
C VAL C 156 18.95 12.13 -29.10
N THR C 157 19.67 11.05 -29.40
CA THR C 157 20.96 10.75 -28.78
C THR C 157 22.06 11.04 -29.78
N VAL C 158 23.04 11.84 -29.37
CA VAL C 158 24.14 12.27 -30.22
C VAL C 158 25.43 11.64 -29.71
N SER C 159 26.27 11.19 -30.64
CA SER C 159 27.54 10.58 -30.31
C SER C 159 28.64 11.15 -31.19
N TRP C 160 29.86 11.13 -30.68
CA TRP C 160 31.05 11.59 -31.40
C TRP C 160 31.93 10.38 -31.66
N ASN C 161 32.54 10.35 -32.86
CA ASN C 161 33.47 9.32 -33.33
C ASN C 161 33.10 7.93 -32.80
N SER C 162 31.82 7.58 -32.97
CA SER C 162 31.27 6.29 -32.56
C SER C 162 31.39 6.04 -31.06
N GLY C 163 31.42 7.11 -30.26
CA GLY C 163 31.51 6.99 -28.82
C GLY C 163 32.91 6.98 -28.25
N ALA C 164 33.95 7.02 -29.08
CA ALA C 164 35.32 7.00 -28.57
C ALA C 164 35.64 8.26 -27.77
N LEU C 165 35.11 9.40 -28.20
CA LEU C 165 35.37 10.67 -27.54
C LEU C 165 34.17 11.05 -26.69
N THR C 166 34.36 11.07 -25.37
CA THR C 166 33.32 11.49 -24.43
C THR C 166 33.80 12.52 -23.41
N SER C 167 35.08 12.88 -23.41
CA SER C 167 35.62 13.86 -22.47
C SER C 167 35.56 15.24 -23.13
N GLY C 168 34.74 16.11 -22.57
CA GLY C 168 34.57 17.45 -23.10
C GLY C 168 33.36 17.65 -23.99
N VAL C 169 32.47 16.67 -24.10
CA VAL C 169 31.27 16.79 -24.91
C VAL C 169 30.17 17.42 -24.06
N HIS C 170 29.49 18.41 -24.63
CA HIS C 170 28.39 19.11 -23.96
C HIS C 170 27.15 19.00 -24.83
N THR C 171 26.15 18.29 -24.34
CA THR C 171 24.86 18.15 -25.02
C THR C 171 23.84 19.05 -24.36
N PHE C 172 23.31 20.00 -25.12
CA PHE C 172 22.37 20.96 -24.56
C PHE C 172 20.95 20.41 -24.56
N PRO C 173 20.17 20.75 -23.55
CA PRO C 173 18.76 20.31 -23.53
C PRO C 173 17.99 20.86 -24.71
N ALA C 174 17.08 20.04 -25.24
CA ALA C 174 16.27 20.44 -26.37
C ALA C 174 15.35 21.60 -26.00
N VAL C 175 15.24 22.57 -26.91
CA VAL C 175 14.40 23.74 -26.71
C VAL C 175 13.39 23.80 -27.84
N LEU C 176 12.11 23.96 -27.48
CA LEU C 176 11.03 23.99 -28.45
C LEU C 176 10.98 25.37 -29.11
N GLN C 177 10.95 25.37 -30.44
CA GLN C 177 10.89 26.60 -31.20
C GLN C 177 9.44 27.05 -31.40
N SER C 178 9.28 28.23 -31.99
CA SER C 178 7.95 28.76 -32.27
C SER C 178 7.19 27.96 -33.33
N SER C 179 7.89 27.17 -34.14
CA SER C 179 7.25 26.37 -35.18
C SER C 179 6.74 25.03 -34.66
N GLY C 180 6.95 24.72 -33.38
CA GLY C 180 6.52 23.45 -32.84
C GLY C 180 7.49 22.30 -33.03
N LEU C 181 8.73 22.59 -33.39
CA LEU C 181 9.75 21.57 -33.59
C LEU C 181 10.91 21.80 -32.62
N TYR C 182 11.64 20.73 -32.34
CA TYR C 182 12.72 20.75 -31.38
C TYR C 182 14.06 20.98 -32.06
N SER C 183 15.03 21.46 -31.28
CA SER C 183 16.37 21.71 -31.80
C SER C 183 17.33 21.85 -30.63
N LEU C 184 18.41 21.09 -30.64
CA LEU C 184 19.45 21.18 -29.63
C LEU C 184 20.81 21.21 -30.32
N SER C 185 21.84 21.56 -29.56
CA SER C 185 23.20 21.62 -30.06
C SER C 185 24.11 20.76 -29.21
N SER C 186 25.00 20.01 -29.86
CA SER C 186 26.02 19.22 -29.19
C SER C 186 27.39 19.69 -29.65
N VAL C 187 28.26 20.01 -28.70
CA VAL C 187 29.57 20.56 -28.99
C VAL C 187 30.62 19.84 -28.16
N VAL C 188 31.88 19.96 -28.59
CA VAL C 188 33.01 19.36 -27.89
C VAL C 188 34.23 20.25 -28.09
N THR C 189 35.02 20.40 -27.03
CA THR C 189 36.21 21.24 -27.07
C THR C 189 37.44 20.37 -27.34
N VAL C 190 38.22 20.76 -28.34
CA VAL C 190 39.41 20.03 -28.73
C VAL C 190 40.59 20.99 -28.70
N PRO C 191 41.80 20.54 -28.34
CA PRO C 191 42.97 21.43 -28.46
C PRO C 191 43.24 21.79 -29.91
N SER C 192 43.70 23.03 -30.13
CA SER C 192 43.88 23.55 -31.47
C SER C 192 45.04 22.92 -32.21
N SER C 193 45.93 22.21 -31.52
CA SER C 193 47.08 21.62 -32.19
C SER C 193 46.71 20.44 -33.06
N SER C 194 45.57 19.79 -32.81
CA SER C 194 45.10 18.65 -33.59
C SER C 194 43.74 18.99 -34.17
N LEU C 195 43.74 19.60 -35.35
CA LEU C 195 42.52 19.93 -36.08
C LEU C 195 42.44 19.27 -37.45
N GLY C 196 43.53 19.28 -38.20
CA GLY C 196 43.54 18.66 -39.52
C GLY C 196 44.05 17.23 -39.49
N THR C 197 44.01 16.61 -38.32
CA THR C 197 44.49 15.25 -38.13
C THR C 197 43.39 14.28 -37.71
N GLN C 198 42.44 14.72 -36.88
CA GLN C 198 41.37 13.87 -36.42
C GLN C 198 40.13 14.05 -37.30
N THR C 199 39.59 12.95 -37.79
CA THR C 199 38.36 12.96 -38.57
C THR C 199 37.19 12.84 -37.60
N TYR C 200 36.48 13.94 -37.38
CA TYR C 200 35.43 14.03 -36.38
C TYR C 200 34.08 13.80 -37.04
N ILE C 201 33.32 12.84 -36.51
CA ILE C 201 31.99 12.52 -37.00
C ILE C 201 31.01 12.62 -35.84
N CYS C 202 29.85 13.23 -36.09
CA CYS C 202 28.79 13.30 -35.11
C CYS C 202 27.69 12.32 -35.49
N ASN C 203 27.33 11.46 -34.53
CA ASN C 203 26.41 10.35 -34.76
C ASN C 203 25.09 10.67 -34.05
N VAL C 204 24.10 11.13 -34.81
CA VAL C 204 22.78 11.46 -34.29
C VAL C 204 21.85 10.29 -34.54
N ASN C 205 21.19 9.83 -33.48
CA ASN C 205 20.28 8.68 -33.55
C ASN C 205 18.88 9.14 -33.20
N HIS C 206 17.95 8.96 -34.13
CA HIS C 206 16.54 9.26 -33.90
C HIS C 206 15.76 7.95 -33.94
N LYS C 207 15.28 7.52 -32.78
CA LYS C 207 14.58 6.25 -32.67
C LYS C 207 13.17 6.32 -33.26
N PRO C 208 12.34 7.31 -32.88
CA PRO C 208 11.01 7.39 -33.51
C PRO C 208 11.06 7.65 -35.02
N SER C 209 12.14 8.23 -35.53
CA SER C 209 12.24 8.55 -36.95
C SER C 209 13.13 7.58 -37.72
N ASN C 210 13.86 6.70 -37.03
CA ASN C 210 14.74 5.73 -37.67
C ASN C 210 15.77 6.41 -38.57
N THR C 211 16.52 7.34 -37.99
CA THR C 211 17.50 8.13 -38.72
C THR C 211 18.89 7.93 -38.13
N LYS C 212 19.86 7.72 -39.01
CA LYS C 212 21.24 7.48 -38.63
C LYS C 212 22.18 8.28 -39.53
N VAL C 213 21.83 9.54 -39.77
CA VAL C 213 22.62 10.40 -40.65
C VAL C 213 23.84 10.92 -39.90
N ASP C 214 25.01 10.77 -40.50
CA ASP C 214 26.26 11.25 -39.94
C ASP C 214 26.83 12.36 -40.81
N LYS C 215 27.43 13.36 -40.16
CA LYS C 215 27.98 14.52 -40.85
C LYS C 215 29.39 14.80 -40.32
N LYS C 216 30.36 14.87 -41.22
CA LYS C 216 31.73 15.11 -40.83
C LYS C 216 31.94 16.56 -40.42
N VAL C 217 32.87 16.78 -39.49
CA VAL C 217 33.20 18.13 -39.05
C VAL C 217 34.62 18.46 -39.47
N GLU C 218 34.76 19.28 -40.51
CA GLU C 218 36.03 19.76 -41.05
C GLU C 218 36.14 21.27 -40.85
N PRO C 219 37.30 21.76 -40.43
CA PRO C 219 37.47 23.21 -40.26
C PRO C 219 37.22 23.96 -41.55
N LYS C 220 36.57 25.11 -41.42
CA LYS C 220 36.17 25.90 -42.57
C LYS C 220 37.37 26.57 -43.23
N SER C 221 37.36 26.61 -44.56
CA SER C 221 38.44 27.24 -45.33
C SER C 221 38.16 28.74 -45.44
N CYS C 222 38.51 29.45 -44.37
CA CYS C 222 38.29 30.90 -44.31
C CYS C 222 39.31 31.64 -45.16
#